data_3LYL
#
_entry.id   3LYL
#
_cell.length_a   71.766
_cell.length_b   86.941
_cell.length_c   77.522
_cell.angle_alpha   90.0
_cell.angle_beta   98.316
_cell.angle_gamma   90.0
#
_symmetry.space_group_name_H-M   'P 1 21 1'
#
loop_
_entity.id
_entity.type
_entity.pdbx_description
1 polymer '3-oxoacyl-(Acyl-carrier-protein) reductase'
2 water water
#
_entity_poly.entity_id   1
_entity_poly.type   'polypeptide(L)'
_entity_poly.pdbx_seq_one_letter_code
;(MSE)SLNEKVALVTGASRGIGFEVAHALASKGATVVGTATSQASAEKFENS(MSE)KEKGFKARGLVLNISDIESIQNF
FAEIKAENLAIDILVNNAGITRDNL(MSE)(MSE)R(MSE)SEDEWQSVINTNLSSIFR(MSE)SKECVRG(MSE)
(MSE)KKRWGRIISIGSVVGSAGNPGQTNYCAAKAGVIGFSKSLAYEVASRNITVNVVAPGFIATD(MSE)TDKLTDEQK
SFIATKIPSGQIGEPKDIAAAVAFLASEEAKYITGQTLHVNGG(MSE)Y(MSE)A
;
_entity_poly.pdbx_strand_id   A,B,C,D
#
# COMPACT_ATOMS: atom_id res chain seq x y z
N SER A 2 -20.53 24.50 0.90
CA SER A 2 -19.15 24.98 0.90
C SER A 2 -18.68 25.28 -0.51
N LEU A 3 -19.47 24.89 -1.50
CA LEU A 3 -19.05 25.07 -2.90
C LEU A 3 -19.77 26.23 -3.63
N ASN A 4 -20.56 27.00 -2.90
CA ASN A 4 -21.12 28.20 -3.50
C ASN A 4 -19.95 28.99 -4.04
N GLU A 5 -20.13 29.58 -5.23
CA GLU A 5 -19.10 30.43 -5.81
C GLU A 5 -17.91 29.67 -6.38
N LYS A 6 -17.86 28.36 -6.19
CA LYS A 6 -16.82 27.57 -6.84
C LYS A 6 -17.27 27.14 -8.23
N VAL A 7 -16.32 26.96 -9.14
CA VAL A 7 -16.61 26.42 -10.46
C VAL A 7 -15.90 25.06 -10.60
N ALA A 8 -16.68 24.03 -10.92
CA ALA A 8 -16.11 22.68 -11.11
C ALA A 8 -16.16 22.22 -12.57
N LEU A 9 -15.16 21.46 -12.98
CA LEU A 9 -15.08 20.91 -14.32
C LEU A 9 -15.09 19.39 -14.22
N VAL A 10 -16.08 18.77 -14.87
CA VAL A 10 -16.16 17.32 -14.91
C VAL A 10 -15.99 16.90 -16.36
N THR A 11 -14.89 16.19 -16.67
CA THR A 11 -14.76 15.65 -18.01
C THR A 11 -15.60 14.38 -18.17
N GLY A 12 -16.22 14.25 -19.33
CA GLY A 12 -17.08 13.11 -19.62
C GLY A 12 -18.26 13.05 -18.67
N ALA A 13 -19.04 14.13 -18.65
CA ALA A 13 -20.12 14.29 -17.67
C ALA A 13 -21.50 13.94 -18.21
N SER A 14 -21.53 13.41 -19.42
CA SER A 14 -22.79 13.02 -20.07
C SER A 14 -23.65 12.07 -19.23
N ARG A 15 -23.05 10.99 -18.75
CA ARG A 15 -23.83 10.00 -18.02
C ARG A 15 -22.96 9.24 -17.03
N GLY A 16 -23.55 8.26 -16.36
CA GLY A 16 -22.83 7.45 -15.40
C GLY A 16 -22.16 8.28 -14.33
N ILE A 17 -20.95 7.86 -13.94
CA ILE A 17 -20.17 8.54 -12.92
C ILE A 17 -20.03 10.04 -13.19
N GLY A 18 -19.72 10.41 -14.42
CA GLY A 18 -19.52 11.81 -14.74
C GLY A 18 -20.73 12.66 -14.39
N PHE A 19 -21.90 12.23 -14.83
CA PHE A 19 -23.11 13.00 -14.57
C PHE A 19 -23.45 13.08 -13.07
N GLU A 20 -23.33 11.97 -12.35
CA GLU A 20 -23.68 12.00 -10.93
C GLU A 20 -22.72 12.89 -10.17
N VAL A 21 -21.48 12.90 -10.63
CA VAL A 21 -20.48 13.76 -10.01
C VAL A 21 -20.88 15.21 -10.21
N ALA A 22 -21.24 15.56 -11.45
CA ALA A 22 -21.70 16.90 -11.75
C ALA A 22 -22.88 17.26 -10.86
N HIS A 23 -23.84 16.34 -10.76
CA HIS A 23 -25.02 16.55 -9.94
C HIS A 23 -24.68 16.78 -8.48
N ALA A 24 -23.78 15.94 -7.96
CA ALA A 24 -23.33 16.01 -6.57
C ALA A 24 -22.61 17.31 -6.24
N LEU A 25 -21.79 17.79 -7.16
CA LEU A 25 -21.08 19.04 -6.91
C LEU A 25 -22.04 20.22 -6.92
N ALA A 26 -22.94 20.26 -7.89
CA ALA A 26 -23.90 21.37 -7.95
C ALA A 26 -24.76 21.43 -6.68
N SER A 27 -25.12 20.27 -6.14
CA SER A 27 -25.89 20.19 -4.90
C SER A 27 -25.13 20.80 -3.70
N LYS A 28 -23.80 20.85 -3.78
CA LYS A 28 -23.02 21.55 -2.76
C LYS A 28 -22.78 23.01 -3.14
N GLY A 29 -23.34 23.43 -4.27
CA GLY A 29 -23.34 24.83 -4.63
C GLY A 29 -22.46 25.23 -5.79
N ALA A 30 -21.70 24.28 -6.33
CA ALA A 30 -20.79 24.58 -7.43
C ALA A 30 -21.48 24.85 -8.75
N THR A 31 -20.93 25.79 -9.51
CA THR A 31 -21.27 25.98 -10.91
C THR A 31 -20.54 24.90 -11.71
N VAL A 32 -21.25 24.06 -12.46
CA VAL A 32 -20.58 22.94 -13.11
C VAL A 32 -20.46 23.02 -14.64
N VAL A 33 -19.22 22.89 -15.10
CA VAL A 33 -18.93 22.77 -16.52
C VAL A 33 -18.65 21.30 -16.79
N GLY A 34 -19.47 20.70 -17.65
CA GLY A 34 -19.30 19.30 -18.04
C GLY A 34 -18.91 19.18 -19.50
N THR A 35 -18.16 18.14 -19.83
CA THR A 35 -17.71 17.97 -21.21
C THR A 35 -18.25 16.70 -21.84
N ALA A 36 -18.45 16.75 -23.14
CA ALA A 36 -18.80 15.59 -23.95
C ALA A 36 -18.03 15.64 -25.28
N THR A 37 -17.93 14.51 -25.97
CA THR A 37 -17.18 14.45 -27.22
C THR A 37 -18.00 14.97 -28.40
N SER A 38 -19.30 15.19 -28.15
CA SER A 38 -20.22 15.60 -29.21
C SER A 38 -21.02 16.81 -28.78
N GLN A 39 -21.33 17.69 -29.73
CA GLN A 39 -22.11 18.89 -29.48
C GLN A 39 -23.52 18.56 -29.01
N ALA A 40 -24.06 17.43 -29.45
CA ALA A 40 -25.39 17.00 -29.00
C ALA A 40 -25.40 16.52 -27.55
N SER A 41 -24.37 15.77 -27.14
CA SER A 41 -24.30 15.29 -25.76
C SER A 41 -23.98 16.43 -24.81
N ALA A 42 -23.25 17.42 -25.32
CA ALA A 42 -22.86 18.58 -24.54
C ALA A 42 -24.11 19.36 -24.17
N GLU A 43 -24.97 19.56 -25.16
CA GLU A 43 -26.23 20.25 -24.94
C GLU A 43 -27.11 19.46 -23.99
N LYS A 44 -27.25 18.17 -24.28
CA LYS A 44 -28.08 17.27 -23.48
C LYS A 44 -27.71 17.35 -22.02
N PHE A 45 -26.41 17.45 -21.75
CA PHE A 45 -25.93 17.59 -20.38
C PHE A 45 -26.43 18.90 -19.78
N GLU A 46 -26.14 20.00 -20.46
CA GLU A 46 -26.48 21.33 -19.98
C GLU A 46 -27.98 21.45 -19.76
N ASN A 47 -28.74 20.86 -20.68
CA ASN A 47 -30.19 20.88 -20.57
C ASN A 47 -30.68 20.13 -19.35
N SER A 48 -30.09 18.95 -19.13
CA SER A 48 -30.50 18.08 -18.05
C SER A 48 -30.21 18.74 -16.69
N LYS A 50 -29.50 22.16 -15.96
CA LYS A 50 -30.30 23.39 -15.84
C LYS A 50 -31.76 23.04 -15.59
N GLU A 51 -32.20 21.89 -16.11
CA GLU A 51 -33.55 21.42 -15.85
C GLU A 51 -33.74 21.13 -14.37
N LYS A 52 -32.80 20.39 -13.80
CA LYS A 52 -32.84 20.04 -12.39
C LYS A 52 -32.53 21.25 -11.51
N GLY A 53 -32.50 22.44 -12.13
CA GLY A 53 -32.31 23.67 -11.39
C GLY A 53 -30.87 24.07 -11.14
N PHE A 54 -29.96 23.61 -11.99
CA PHE A 54 -28.55 23.91 -11.77
C PHE A 54 -27.92 24.89 -12.75
N LYS A 55 -26.91 25.60 -12.27
CA LYS A 55 -26.08 26.44 -13.12
C LYS A 55 -25.01 25.56 -13.75
N ALA A 56 -25.22 25.19 -15.01
CA ALA A 56 -24.29 24.31 -15.71
C ALA A 56 -24.03 24.75 -17.14
N ARG A 57 -22.88 24.31 -17.65
CA ARG A 57 -22.48 24.54 -19.02
C ARG A 57 -21.83 23.28 -19.56
N GLY A 58 -22.25 22.87 -20.75
CA GLY A 58 -21.65 21.72 -21.40
C GLY A 58 -20.88 22.12 -22.64
N LEU A 59 -19.64 21.67 -22.74
CA LEU A 59 -18.79 22.03 -23.88
C LEU A 59 -18.20 20.78 -24.51
N VAL A 60 -17.81 20.87 -25.77
CA VAL A 60 -17.25 19.71 -26.45
C VAL A 60 -15.74 19.60 -26.24
N LEU A 61 -15.30 18.39 -25.94
CA LEU A 61 -13.87 18.08 -25.74
C LEU A 61 -13.50 16.65 -26.19
N ASN A 62 -12.61 16.54 -27.17
CA ASN A 62 -11.99 15.26 -27.50
C ASN A 62 -10.65 15.22 -26.79
N ILE A 63 -10.66 14.72 -25.56
CA ILE A 63 -9.52 14.85 -24.65
C ILE A 63 -8.25 14.10 -25.11
N SER A 64 -8.39 13.23 -26.11
CA SER A 64 -7.23 12.60 -26.71
C SER A 64 -6.47 13.58 -27.57
N ASP A 65 -7.08 14.71 -27.89
CA ASP A 65 -6.52 15.61 -28.88
C ASP A 65 -6.12 16.95 -28.25
N ILE A 66 -4.81 17.24 -28.25
CA ILE A 66 -4.31 18.46 -27.60
C ILE A 66 -4.91 19.74 -28.19
N GLU A 67 -5.18 19.73 -29.48
CA GLU A 67 -5.80 20.88 -30.14
C GLU A 67 -7.21 21.14 -29.62
N SER A 68 -7.94 20.06 -29.33
CA SER A 68 -9.28 20.16 -28.76
C SER A 68 -9.22 20.70 -27.33
N ILE A 69 -8.22 20.24 -26.58
CA ILE A 69 -8.01 20.73 -25.23
C ILE A 69 -7.72 22.23 -25.28
N GLN A 70 -6.88 22.62 -26.23
CA GLN A 70 -6.49 24.02 -26.40
C GLN A 70 -7.69 24.90 -26.71
N ASN A 71 -8.55 24.44 -27.61
CA ASN A 71 -9.77 25.18 -27.97
C ASN A 71 -10.77 25.23 -26.82
N PHE A 72 -10.88 24.14 -26.07
CA PHE A 72 -11.79 24.13 -24.92
C PHE A 72 -11.39 25.21 -23.89
N PHE A 73 -10.13 25.23 -23.49
CA PHE A 73 -9.74 26.22 -22.49
C PHE A 73 -9.84 27.64 -23.03
N ALA A 74 -9.62 27.80 -24.34
CA ALA A 74 -9.89 29.07 -24.97
C ALA A 74 -11.33 29.46 -24.71
N GLU A 75 -12.22 28.50 -24.87
CA GLU A 75 -13.65 28.74 -24.75
C GLU A 75 -14.08 29.11 -23.32
N ILE A 76 -13.54 28.42 -22.31
CA ILE A 76 -13.99 28.72 -20.96
C ILE A 76 -13.46 30.06 -20.49
N LYS A 77 -12.26 30.40 -20.95
CA LYS A 77 -11.68 31.71 -20.67
C LYS A 77 -12.48 32.85 -21.30
N ALA A 78 -12.85 32.69 -22.57
CA ALA A 78 -13.72 33.65 -23.23
C ALA A 78 -15.02 33.84 -22.44
N GLU A 79 -15.44 32.80 -21.73
CA GLU A 79 -16.73 32.81 -21.04
C GLU A 79 -16.66 33.14 -19.55
N ASN A 80 -15.48 33.52 -19.06
CA ASN A 80 -15.32 33.96 -17.68
C ASN A 80 -15.39 32.83 -16.65
N LEU A 81 -15.08 31.62 -17.08
CA LEU A 81 -15.15 30.50 -16.17
C LEU A 81 -13.76 30.11 -15.67
N ALA A 82 -13.50 30.37 -14.39
CA ALA A 82 -12.22 29.99 -13.79
C ALA A 82 -12.42 28.71 -13.00
N ILE A 83 -11.72 27.65 -13.39
CA ILE A 83 -11.87 26.33 -12.75
C ILE A 83 -11.22 26.23 -11.38
N ASP A 84 -12.03 26.00 -10.34
CA ASP A 84 -11.51 25.80 -8.99
C ASP A 84 -11.38 24.32 -8.64
N ILE A 85 -12.23 23.53 -9.29
CA ILE A 85 -12.36 22.12 -9.02
C ILE A 85 -12.33 21.32 -10.34
N LEU A 86 -11.30 20.50 -10.50
CA LEU A 86 -11.16 19.67 -11.68
C LEU A 86 -11.36 18.20 -11.31
N VAL A 87 -12.32 17.57 -11.96
CA VAL A 87 -12.54 16.12 -11.81
C VAL A 87 -12.25 15.43 -13.12
N ASN A 88 -11.18 14.65 -13.14
CA ASN A 88 -10.77 13.96 -14.36
C ASN A 88 -11.48 12.63 -14.40
N ASN A 89 -12.55 12.55 -15.17
CA ASN A 89 -13.37 11.35 -15.21
C ASN A 89 -13.32 10.64 -16.57
N ALA A 90 -12.93 11.37 -17.61
CA ALA A 90 -12.83 10.80 -18.95
C ALA A 90 -11.79 9.68 -18.97
N GLY A 91 -12.02 8.66 -19.77
CA GLY A 91 -11.10 7.53 -19.89
C GLY A 91 -11.75 6.30 -20.54
N ILE A 92 -10.94 5.46 -21.17
CA ILE A 92 -11.45 4.32 -21.92
C ILE A 92 -10.59 3.10 -21.68
N THR A 93 -11.16 1.93 -21.95
CA THR A 93 -10.39 0.69 -21.97
C THR A 93 -10.21 0.19 -23.40
N ARG A 94 -9.09 -0.47 -23.64
CA ARG A 94 -8.89 -1.25 -24.86
C ARG A 94 -8.27 -2.58 -24.44
N ASP A 95 -9.11 -3.48 -23.92
CA ASP A 95 -8.64 -4.72 -23.32
C ASP A 95 -8.12 -5.74 -24.33
N ASN A 96 -6.97 -6.34 -24.02
CA ASN A 96 -6.40 -7.43 -24.80
C ASN A 96 -5.30 -8.10 -23.99
N LEU A 97 -4.94 -9.31 -24.35
CA LEU A 97 -3.78 -9.93 -23.74
C LEU A 97 -2.61 -9.05 -24.18
N ARG A 100 -0.87 -9.82 -27.46
CA ARG A 100 -1.62 -9.53 -28.69
C ARG A 100 -1.90 -8.04 -28.86
N SER A 102 -2.14 -4.21 -29.60
CA SER A 102 -1.60 -3.35 -30.66
C SER A 102 -1.07 -2.04 -30.09
N GLU A 103 -0.35 -1.29 -30.92
CA GLU A 103 0.11 0.01 -30.46
C GLU A 103 -1.09 0.95 -30.22
N ASP A 104 -2.10 0.85 -31.06
CA ASP A 104 -3.32 1.64 -30.91
C ASP A 104 -4.00 1.37 -29.56
N GLU A 105 -4.14 0.10 -29.21
CA GLU A 105 -4.77 -0.30 -27.95
C GLU A 105 -4.00 0.24 -26.77
N TRP A 106 -2.67 0.13 -26.83
CA TRP A 106 -1.83 0.63 -25.74
C TRP A 106 -1.90 2.15 -25.60
N GLN A 107 -1.55 2.85 -26.68
CA GLN A 107 -1.37 4.31 -26.62
C GLN A 107 -2.69 5.05 -26.40
N SER A 108 -3.76 4.56 -27.03
CA SER A 108 -5.09 5.13 -26.82
C SER A 108 -5.44 5.14 -25.35
N VAL A 109 -5.09 4.08 -24.66
CA VAL A 109 -5.43 3.96 -23.23
C VAL A 109 -4.52 4.85 -22.37
N ILE A 110 -3.23 4.85 -22.68
CA ILE A 110 -2.30 5.67 -21.92
C ILE A 110 -2.63 7.14 -22.13
N ASN A 111 -2.96 7.49 -23.37
CA ASN A 111 -3.20 8.89 -23.71
C ASN A 111 -4.47 9.40 -23.05
N THR A 112 -5.52 8.58 -23.09
CA THR A 112 -6.82 9.02 -22.63
C THR A 112 -6.96 9.04 -21.12
N ASN A 113 -6.33 8.07 -20.44
CA ASN A 113 -6.51 7.88 -19.00
C ASN A 113 -5.41 8.52 -18.16
N LEU A 114 -4.23 8.68 -18.73
CA LEU A 114 -3.08 9.15 -17.96
C LEU A 114 -2.53 10.49 -18.48
N SER A 115 -2.24 10.57 -19.77
CA SER A 115 -1.78 11.84 -20.35
C SER A 115 -2.82 12.96 -20.23
N SER A 116 -4.09 12.59 -20.19
CA SER A 116 -5.15 13.57 -20.08
C SER A 116 -5.09 14.27 -18.73
N ILE A 117 -4.62 13.54 -17.71
CA ILE A 117 -4.52 14.09 -16.35
C ILE A 117 -3.54 15.25 -16.30
N PHE A 118 -2.39 15.03 -16.91
CA PHE A 118 -1.37 16.07 -16.97
C PHE A 118 -1.93 17.24 -17.77
N ARG A 119 -2.43 16.95 -18.96
CA ARG A 119 -2.89 18.02 -19.83
C ARG A 119 -3.96 18.91 -19.18
N SER A 121 -4.75 19.14 -15.84
CA SER A 121 -4.29 19.74 -14.60
C SER A 121 -3.42 20.95 -14.92
N LYS A 122 -2.63 20.83 -15.98
CA LYS A 122 -1.73 21.90 -16.37
C LYS A 122 -2.48 23.20 -16.69
N GLU A 123 -3.72 23.08 -17.15
CA GLU A 123 -4.52 24.24 -17.55
C GLU A 123 -5.32 24.86 -16.40
N CYS A 124 -5.41 24.15 -15.28
CA CYS A 124 -6.19 24.63 -14.13
C CYS A 124 -5.34 25.10 -12.95
N VAL A 125 -4.16 24.52 -12.82
CA VAL A 125 -3.35 24.75 -11.63
C VAL A 125 -2.92 26.21 -11.36
N ARG A 126 -2.66 27.01 -12.40
CA ARG A 126 -2.25 28.41 -12.19
CA ARG A 126 -2.23 28.39 -12.15
C ARG A 126 -3.29 29.22 -11.41
N GLY A 127 -4.52 29.18 -11.90
CA GLY A 127 -5.60 29.93 -11.30
C GLY A 127 -5.91 29.48 -9.90
N LYS A 130 -3.13 30.95 -7.77
CA LYS A 130 -3.36 32.37 -7.62
C LYS A 130 -4.40 32.61 -6.56
N LYS A 131 -5.50 31.86 -6.63
CA LYS A 131 -6.54 31.98 -5.62
C LYS A 131 -6.20 31.33 -4.29
N ARG A 132 -5.08 30.62 -4.24
CA ARG A 132 -4.73 29.84 -3.05
C ARG A 132 -5.86 28.90 -2.62
N TRP A 133 -6.51 28.23 -3.57
CA TRP A 133 -7.49 27.20 -3.23
C TRP A 133 -7.80 26.35 -4.44
N GLY A 134 -7.87 25.03 -4.26
CA GLY A 134 -8.26 24.19 -5.36
C GLY A 134 -8.43 22.73 -4.98
N ARG A 135 -9.15 22.01 -5.83
CA ARG A 135 -9.25 20.57 -5.71
C ARG A 135 -8.98 19.92 -7.05
N ILE A 136 -8.18 18.86 -7.05
CA ILE A 136 -8.07 18.03 -8.25
C ILE A 136 -8.38 16.61 -7.84
N ILE A 137 -9.35 16.02 -8.51
CA ILE A 137 -9.80 14.70 -8.18
C ILE A 137 -9.85 13.85 -9.43
N SER A 138 -9.11 12.75 -9.46
CA SER A 138 -9.14 11.90 -10.64
C SER A 138 -9.85 10.59 -10.36
N ILE A 139 -10.61 10.09 -11.33
CA ILE A 139 -11.33 8.83 -11.14
C ILE A 139 -10.43 7.72 -11.66
N GLY A 140 -9.92 6.90 -10.76
CA GLY A 140 -9.03 5.83 -11.16
C GLY A 140 -9.82 4.57 -11.45
N SER A 141 -9.29 3.45 -10.99
CA SER A 141 -9.96 2.15 -11.00
C SER A 141 -9.31 1.25 -9.97
N VAL A 142 -10.10 0.34 -9.40
CA VAL A 142 -9.54 -0.71 -8.53
C VAL A 142 -8.37 -1.46 -9.17
N VAL A 143 -8.45 -1.73 -10.47
CA VAL A 143 -7.41 -2.53 -11.13
C VAL A 143 -6.08 -1.80 -11.16
N GLY A 144 -6.12 -0.48 -10.96
CA GLY A 144 -4.90 0.30 -10.86
C GLY A 144 -4.04 -0.15 -9.69
N SER A 145 -4.67 -0.60 -8.61
CA SER A 145 -3.94 -1.07 -7.41
C SER A 145 -3.88 -2.59 -7.34
N ALA A 146 -4.94 -3.26 -7.77
CA ALA A 146 -5.00 -4.73 -7.71
C ALA A 146 -4.39 -5.44 -8.92
N GLY A 147 -4.27 -4.74 -10.03
CA GLY A 147 -3.93 -5.38 -11.30
C GLY A 147 -5.08 -6.23 -11.82
N ASN A 148 -5.16 -6.45 -13.14
CA ASN A 148 -6.18 -7.32 -13.72
C ASN A 148 -5.74 -7.90 -15.07
N PRO A 149 -5.91 -9.20 -15.30
CA PRO A 149 -5.45 -9.74 -16.58
C PRO A 149 -6.21 -9.13 -17.74
N GLY A 150 -5.54 -8.97 -18.87
CA GLY A 150 -6.18 -8.44 -20.07
C GLY A 150 -6.27 -6.93 -20.08
N GLN A 151 -5.69 -6.28 -19.08
CA GLN A 151 -5.76 -4.84 -19.04
C GLN A 151 -4.42 -4.19 -18.70
N THR A 152 -3.33 -4.70 -19.25
CA THR A 152 -2.02 -4.16 -18.90
C THR A 152 -1.99 -2.65 -19.16
N ASN A 153 -2.62 -2.21 -20.24
CA ASN A 153 -2.61 -0.78 -20.58
C ASN A 153 -3.41 0.05 -19.57
N TYR A 154 -4.58 -0.45 -19.17
CA TYR A 154 -5.48 0.27 -18.30
C TYR A 154 -4.94 0.31 -16.87
N CYS A 155 -4.50 -0.84 -16.37
CA CYS A 155 -3.85 -0.92 -15.07
C CYS A 155 -2.62 -0.01 -15.03
N ALA A 156 -1.78 -0.06 -16.06
CA ALA A 156 -0.66 0.86 -16.12
C ALA A 156 -1.15 2.30 -16.00
N ALA A 157 -2.13 2.67 -16.82
CA ALA A 157 -2.63 4.05 -16.84
C ALA A 157 -3.14 4.52 -15.48
N LYS A 158 -3.99 3.70 -14.88
CA LYS A 158 -4.67 4.08 -13.63
C LYS A 158 -3.69 4.06 -12.45
N ALA A 159 -2.64 3.24 -12.53
CA ALA A 159 -1.61 3.28 -11.49
C ALA A 159 -0.76 4.55 -11.67
N GLY A 160 -0.54 4.92 -12.92
CA GLY A 160 0.15 6.16 -13.22
C GLY A 160 -0.62 7.37 -12.70
N VAL A 161 -1.95 7.31 -12.71
CA VAL A 161 -2.77 8.41 -12.20
C VAL A 161 -2.46 8.67 -10.76
N ILE A 162 -2.40 7.60 -9.99
CA ILE A 162 -2.00 7.72 -8.58
C ILE A 162 -0.57 8.26 -8.38
N GLY A 163 0.40 7.82 -9.20
CA GLY A 163 1.76 8.37 -9.09
C GLY A 163 1.87 9.84 -9.43
N PHE A 164 1.18 10.23 -10.50
CA PHE A 164 1.08 11.62 -10.91
C PHE A 164 0.50 12.43 -9.77
N SER A 165 -0.60 11.93 -9.20
CA SER A 165 -1.37 12.68 -8.21
C SER A 165 -0.56 12.89 -6.92
N LYS A 166 0.18 11.88 -6.52
CA LYS A 166 1.02 11.99 -5.33
C LYS A 166 2.08 13.05 -5.54
N SER A 167 2.74 12.97 -6.68
CA SER A 167 3.75 13.96 -7.05
C SER A 167 3.19 15.38 -7.09
N LEU A 168 2.06 15.57 -7.76
CA LEU A 168 1.48 16.89 -7.87
C LEU A 168 1.04 17.40 -6.49
N ALA A 169 0.56 16.50 -5.63
CA ALA A 169 0.16 16.89 -4.30
C ALA A 169 1.27 17.65 -3.58
N TYR A 170 2.52 17.21 -3.71
CA TYR A 170 3.63 17.90 -3.05
C TYR A 170 3.83 19.30 -3.56
N GLU A 171 3.67 19.48 -4.87
CA GLU A 171 3.95 20.76 -5.53
C GLU A 171 2.96 21.85 -5.15
N VAL A 172 1.70 21.45 -4.96
CA VAL A 172 0.63 22.41 -4.75
C VAL A 172 0.07 22.45 -3.33
N ALA A 173 0.52 21.54 -2.49
CA ALA A 173 -0.02 21.43 -1.12
C ALA A 173 0.00 22.74 -0.33
N SER A 174 1.02 23.56 -0.53
CA SER A 174 1.21 24.77 0.28
C SER A 174 0.32 25.94 -0.16
N ARG A 175 -0.34 25.78 -1.31
CA ARG A 175 -1.24 26.79 -1.85
CA ARG A 175 -1.23 26.83 -1.78
C ARG A 175 -2.70 26.41 -1.62
N ASN A 176 -2.91 25.46 -0.72
CA ASN A 176 -4.24 24.96 -0.35
C ASN A 176 -5.00 24.27 -1.49
N ILE A 177 -4.25 23.60 -2.34
CA ILE A 177 -4.84 22.75 -3.39
C ILE A 177 -4.60 21.31 -2.97
N THR A 178 -5.65 20.49 -2.94
CA THR A 178 -5.46 19.07 -2.67
C THR A 178 -5.56 18.27 -3.97
N VAL A 179 -4.90 17.12 -4.01
CA VAL A 179 -4.91 16.29 -5.19
C VAL A 179 -5.13 14.86 -4.72
N ASN A 180 -6.20 14.24 -5.20
CA ASN A 180 -6.60 12.92 -4.72
C ASN A 180 -7.17 12.08 -5.87
N VAL A 181 -7.29 10.79 -5.61
CA VAL A 181 -7.89 9.85 -6.55
C VAL A 181 -9.05 9.11 -5.87
N VAL A 182 -10.15 8.94 -6.59
CA VAL A 182 -11.22 8.05 -6.15
C VAL A 182 -11.20 6.86 -7.07
N ALA A 183 -11.01 5.68 -6.50
CA ALA A 183 -10.85 4.47 -7.30
C ALA A 183 -12.05 3.55 -7.20
N PRO A 184 -12.94 3.61 -8.20
CA PRO A 184 -14.14 2.76 -8.21
C PRO A 184 -13.78 1.31 -8.36
N GLY A 185 -14.57 0.44 -7.72
CA GLY A 185 -14.54 -0.97 -8.03
C GLY A 185 -15.58 -1.19 -9.11
N PHE A 186 -16.45 -2.18 -8.89
CA PHE A 186 -17.45 -2.58 -9.88
C PHE A 186 -18.72 -1.76 -9.75
N ILE A 187 -18.94 -0.85 -10.68
CA ILE A 187 -20.05 0.09 -10.62
C ILE A 187 -20.92 -0.04 -11.86
N ALA A 188 -22.23 -0.01 -11.67
CA ALA A 188 -23.15 -0.12 -12.80
C ALA A 188 -22.92 1.04 -13.76
N THR A 189 -22.48 0.71 -14.97
CA THR A 189 -22.30 1.69 -16.04
C THR A 189 -22.58 1.05 -17.40
N ASP A 190 -22.36 1.81 -18.47
CA ASP A 190 -22.63 1.32 -19.82
C ASP A 190 -21.79 0.10 -20.19
N THR A 192 -20.38 -1.90 -18.14
CA THR A 192 -20.78 -2.96 -17.25
C THR A 192 -22.02 -3.65 -17.84
N ASP A 193 -22.90 -2.84 -18.42
CA ASP A 193 -24.11 -3.35 -19.05
C ASP A 193 -23.80 -4.22 -20.26
N LYS A 194 -22.55 -4.16 -20.71
CA LYS A 194 -22.12 -4.94 -21.86
C LYS A 194 -21.56 -6.30 -21.46
N LEU A 195 -21.52 -6.56 -20.16
CA LEU A 195 -21.03 -7.85 -19.66
C LEU A 195 -22.14 -8.89 -19.71
N THR A 196 -21.78 -10.14 -19.93
CA THR A 196 -22.77 -11.21 -19.95
C THR A 196 -23.31 -11.44 -18.55
N ASP A 197 -24.44 -12.13 -18.44
CA ASP A 197 -25.01 -12.37 -17.15
C ASP A 197 -23.99 -13.06 -16.29
N GLU A 198 -23.18 -13.90 -16.93
CA GLU A 198 -22.22 -14.74 -16.22
C GLU A 198 -20.99 -13.98 -15.75
N GLN A 199 -20.50 -13.05 -16.57
CA GLN A 199 -19.39 -12.19 -16.17
C GLN A 199 -19.78 -11.42 -14.92
N LYS A 200 -21.01 -10.88 -14.92
CA LYS A 200 -21.48 -10.14 -13.77
C LYS A 200 -21.46 -11.01 -12.52
N SER A 201 -22.06 -12.20 -12.62
CA SER A 201 -22.13 -13.14 -11.52
C SER A 201 -20.74 -13.47 -10.98
N PHE A 202 -19.80 -13.72 -11.88
CA PHE A 202 -18.46 -14.07 -11.45
C PHE A 202 -17.82 -12.95 -10.66
N ILE A 203 -18.02 -11.72 -11.10
CA ILE A 203 -17.44 -10.59 -10.42
C ILE A 203 -18.03 -10.45 -9.01
N ALA A 204 -19.33 -10.69 -8.88
CA ALA A 204 -19.99 -10.68 -7.57
C ALA A 204 -19.28 -11.56 -6.52
N THR A 205 -18.61 -12.62 -6.96
CA THR A 205 -17.87 -13.46 -6.02
C THR A 205 -16.63 -12.75 -5.46
N LYS A 206 -16.27 -11.61 -6.05
CA LYS A 206 -15.05 -10.91 -5.60
C LYS A 206 -15.39 -9.75 -4.66
N ILE A 207 -16.66 -9.49 -4.46
CA ILE A 207 -17.12 -8.40 -3.61
C ILE A 207 -17.78 -9.01 -2.37
N PRO A 208 -17.28 -8.67 -1.17
CA PRO A 208 -17.80 -9.29 0.05
C PRO A 208 -19.33 -9.29 0.18
N SER A 209 -19.98 -8.14 0.02
CA SER A 209 -21.44 -8.06 0.10
C SER A 209 -22.08 -8.71 -1.10
N GLY A 210 -21.32 -8.84 -2.17
CA GLY A 210 -21.88 -9.36 -3.41
C GLY A 210 -22.73 -8.34 -4.13
N GLN A 211 -22.63 -7.07 -3.71
CA GLN A 211 -23.37 -5.96 -4.33
C GLN A 211 -22.54 -5.18 -5.37
N ILE A 212 -23.17 -4.78 -6.46
CA ILE A 212 -22.52 -3.90 -7.42
C ILE A 212 -22.83 -2.48 -7.04
N GLY A 213 -21.82 -1.62 -7.01
CA GLY A 213 -22.01 -0.25 -6.61
C GLY A 213 -22.79 0.54 -7.64
N GLU A 214 -23.00 1.83 -7.37
CA GLU A 214 -23.70 2.71 -8.31
C GLU A 214 -22.92 4.01 -8.52
N PRO A 215 -23.22 4.76 -9.59
CA PRO A 215 -22.48 6.00 -9.80
C PRO A 215 -22.56 6.95 -8.61
N LYS A 216 -23.69 7.00 -7.92
CA LYS A 216 -23.77 7.88 -6.75
C LYS A 216 -22.67 7.57 -5.74
N ASP A 217 -22.26 6.30 -5.67
CA ASP A 217 -21.23 5.89 -4.72
C ASP A 217 -19.92 6.67 -4.95
N ILE A 218 -19.55 6.81 -6.22
CA ILE A 218 -18.32 7.51 -6.61
C ILE A 218 -18.51 9.01 -6.44
N ALA A 219 -19.69 9.48 -6.85
CA ALA A 219 -20.00 10.89 -6.82
C ALA A 219 -19.94 11.39 -5.38
N ALA A 220 -20.44 10.59 -4.45
CA ALA A 220 -20.40 10.93 -3.03
C ALA A 220 -18.99 11.10 -2.48
N ALA A 221 -18.09 10.21 -2.85
CA ALA A 221 -16.71 10.32 -2.38
C ALA A 221 -16.01 11.53 -2.99
N VAL A 222 -16.22 11.73 -4.29
CA VAL A 222 -15.68 12.86 -5.04
C VAL A 222 -16.14 14.19 -4.45
N ALA A 223 -17.44 14.29 -4.20
CA ALA A 223 -18.01 15.52 -3.67
C ALA A 223 -17.46 15.78 -2.27
N PHE A 224 -17.31 14.72 -1.48
CA PHE A 224 -16.67 14.86 -0.18
C PHE A 224 -15.30 15.49 -0.37
N LEU A 225 -14.42 14.83 -1.10
CA LEU A 225 -13.05 15.33 -1.28
C LEU A 225 -13.00 16.75 -1.82
N ALA A 226 -14.00 17.11 -2.63
CA ALA A 226 -14.10 18.43 -3.24
C ALA A 226 -14.50 19.51 -2.23
N SER A 227 -15.21 19.08 -1.19
CA SER A 227 -15.75 20.02 -0.19
C SER A 227 -14.65 20.64 0.66
N GLU A 228 -14.96 21.74 1.33
CA GLU A 228 -13.97 22.44 2.12
C GLU A 228 -13.52 21.64 3.34
N GLU A 229 -14.40 20.80 3.88
CA GLU A 229 -14.05 20.07 5.09
C GLU A 229 -13.07 18.92 4.82
N ALA A 230 -12.75 18.69 3.53
CA ALA A 230 -11.76 17.71 3.10
C ALA A 230 -10.40 18.37 2.88
N LYS A 231 -10.22 19.56 3.45
CA LYS A 231 -9.01 20.36 3.18
C LYS A 231 -7.67 19.71 3.59
N TYR A 232 -7.70 18.82 4.57
CA TYR A 232 -6.47 18.22 5.07
C TYR A 232 -6.21 16.83 4.49
N ILE A 233 -6.97 16.45 3.47
CA ILE A 233 -6.74 15.21 2.76
C ILE A 233 -6.10 15.49 1.41
N THR A 234 -4.87 15.03 1.18
CA THR A 234 -4.26 15.19 -0.15
C THR A 234 -3.25 14.09 -0.44
N GLY A 235 -3.14 13.75 -1.71
CA GLY A 235 -2.24 12.70 -2.16
C GLY A 235 -2.81 11.31 -1.91
N GLN A 236 -4.09 11.23 -1.59
CA GLN A 236 -4.70 9.95 -1.18
C GLN A 236 -5.49 9.27 -2.29
N THR A 237 -5.63 7.94 -2.19
CA THR A 237 -6.49 7.19 -3.09
C THR A 237 -7.62 6.59 -2.28
N LEU A 238 -8.84 7.03 -2.53
CA LEU A 238 -9.98 6.53 -1.78
C LEU A 238 -10.67 5.42 -2.58
N HIS A 239 -10.56 4.18 -2.09
CA HIS A 239 -11.12 3.03 -2.79
C HIS A 239 -12.60 2.83 -2.44
N VAL A 240 -13.43 2.89 -3.47
CA VAL A 240 -14.87 2.73 -3.31
C VAL A 240 -15.32 1.49 -4.11
N ASN A 241 -15.26 0.33 -3.46
CA ASN A 241 -15.29 -0.94 -4.18
C ASN A 241 -15.92 -2.08 -3.40
N GLY A 242 -16.68 -1.73 -2.37
CA GLY A 242 -17.42 -2.72 -1.60
C GLY A 242 -16.54 -3.75 -0.93
N GLY A 243 -15.23 -3.49 -0.89
CA GLY A 243 -14.32 -4.37 -0.18
C GLY A 243 -13.61 -5.33 -1.11
N TYR A 245 -11.11 -4.69 -2.93
CA TYR A 245 -9.69 -4.50 -2.66
C TYR A 245 -9.49 -3.60 -1.44
N ALA A 247 -6.69 -1.69 1.01
CA ALA A 247 -5.37 -1.16 0.71
C ALA A 247 -4.44 -0.92 1.91
N SER B 2 22.31 -21.46 -10.70
CA SER B 2 21.23 -22.04 -11.50
C SER B 2 20.99 -21.37 -12.84
N LEU B 3 21.64 -20.25 -13.05
CA LEU B 3 21.37 -19.47 -14.26
C LEU B 3 22.14 -19.98 -15.49
N ASN B 4 22.92 -21.03 -15.35
CA ASN B 4 23.60 -21.58 -16.52
C ASN B 4 22.58 -21.97 -17.56
N GLU B 5 22.84 -21.59 -18.81
CA GLU B 5 21.95 -21.90 -19.92
C GLU B 5 20.74 -20.95 -20.00
N LYS B 6 20.65 -20.00 -19.07
CA LYS B 6 19.59 -19.00 -19.13
C LYS B 6 20.14 -17.83 -19.89
N VAL B 7 19.33 -17.21 -20.72
CA VAL B 7 19.77 -16.02 -21.44
C VAL B 7 19.09 -14.76 -20.88
N ALA B 8 19.87 -13.73 -20.61
CA ALA B 8 19.31 -12.56 -19.96
C ALA B 8 19.55 -11.30 -20.79
N LEU B 9 18.56 -10.42 -20.79
CA LEU B 9 18.65 -9.14 -21.45
C LEU B 9 18.50 -8.03 -20.43
N VAL B 10 19.52 -7.19 -20.34
CA VAL B 10 19.52 -6.03 -19.46
C VAL B 10 19.65 -4.80 -20.31
N THR B 11 18.60 -3.98 -20.36
CA THR B 11 18.68 -2.77 -21.16
C THR B 11 19.45 -1.71 -20.39
N GLY B 12 20.24 -0.90 -21.10
CA GLY B 12 21.01 0.15 -20.46
C GLY B 12 22.06 -0.38 -19.50
N ALA B 13 22.86 -1.34 -19.97
CA ALA B 13 23.80 -2.07 -19.16
C ALA B 13 25.24 -1.55 -19.18
N SER B 14 25.43 -0.41 -19.82
CA SER B 14 26.74 0.18 -20.00
C SER B 14 27.39 0.51 -18.65
N ARG B 15 26.59 1.01 -17.71
CA ARG B 15 27.10 1.44 -16.42
C ARG B 15 26.08 1.41 -15.27
N GLY B 16 26.53 1.74 -14.07
CA GLY B 16 25.66 1.84 -12.92
C GLY B 16 24.88 0.58 -12.56
N ILE B 17 23.58 0.73 -12.36
CA ILE B 17 22.74 -0.38 -11.96
C ILE B 17 22.65 -1.46 -13.03
N GLY B 18 22.46 -1.05 -14.27
CA GLY B 18 22.40 -2.03 -15.35
C GLY B 18 23.67 -2.86 -15.42
N PHE B 19 24.82 -2.20 -15.35
CA PHE B 19 26.07 -2.96 -15.48
C PHE B 19 26.22 -3.92 -14.31
N GLU B 20 25.89 -3.47 -13.10
CA GLU B 20 26.02 -4.36 -11.95
C GLU B 20 25.04 -5.54 -12.07
N VAL B 21 23.84 -5.26 -12.59
CA VAL B 21 22.87 -6.34 -12.81
C VAL B 21 23.42 -7.35 -13.81
N ALA B 22 24.05 -6.87 -14.88
CA ALA B 22 24.60 -7.76 -15.87
C ALA B 22 25.67 -8.62 -15.21
N HIS B 23 26.51 -7.98 -14.41
CA HIS B 23 27.57 -8.68 -13.70
C HIS B 23 27.02 -9.74 -12.72
N ALA B 24 25.95 -9.39 -12.01
CA ALA B 24 25.32 -10.33 -11.06
C ALA B 24 24.78 -11.58 -11.78
N LEU B 25 24.01 -11.37 -12.85
CA LEU B 25 23.44 -12.49 -13.60
C LEU B 25 24.53 -13.36 -14.23
N ALA B 26 25.50 -12.72 -14.87
CA ALA B 26 26.64 -13.42 -15.43
C ALA B 26 27.33 -14.26 -14.36
N SER B 27 27.45 -13.70 -13.16
CA SER B 27 28.12 -14.37 -12.05
C SER B 27 27.41 -15.67 -11.69
N LYS B 28 26.13 -15.77 -12.02
CA LYS B 28 25.37 -16.99 -11.79
C LYS B 28 25.36 -17.84 -13.07
N GLY B 29 26.18 -17.45 -14.03
CA GLY B 29 26.40 -18.23 -15.24
C GLY B 29 25.43 -17.95 -16.37
N ALA B 30 24.65 -16.88 -16.24
CA ALA B 30 23.74 -16.48 -17.31
C ALA B 30 24.56 -15.93 -18.50
N THR B 31 24.04 -16.10 -19.71
CA THR B 31 24.59 -15.40 -20.86
C THR B 31 23.88 -14.06 -20.91
N VAL B 32 24.62 -12.97 -20.86
CA VAL B 32 24.01 -11.66 -20.74
C VAL B 32 24.09 -10.81 -22.01
N VAL B 33 22.93 -10.39 -22.51
CA VAL B 33 22.89 -9.43 -23.60
C VAL B 33 22.65 -8.06 -22.98
N GLY B 34 23.62 -7.17 -23.12
CA GLY B 34 23.48 -5.83 -22.59
C GLY B 34 23.29 -4.86 -23.73
N THR B 35 22.49 -3.83 -23.52
CA THR B 35 22.25 -2.87 -24.57
C THR B 35 22.70 -1.47 -24.17
N ALA B 36 23.07 -0.69 -25.18
CA ALA B 36 23.43 0.70 -25.00
C ALA B 36 22.93 1.42 -26.24
N THR B 37 22.82 2.74 -26.17
CA THR B 37 22.33 3.52 -27.30
C THR B 37 23.40 3.77 -28.37
N SER B 38 24.67 3.60 -28.03
CA SER B 38 25.73 3.81 -29.02
C SER B 38 26.55 2.55 -29.26
N GLN B 39 27.12 2.44 -30.44
CA GLN B 39 27.90 1.26 -30.78
C GLN B 39 29.14 1.16 -29.91
N ALA B 40 29.73 2.31 -29.59
CA ALA B 40 30.93 2.35 -28.75
C ALA B 40 30.63 1.78 -27.38
N SER B 41 29.51 2.21 -26.80
CA SER B 41 29.10 1.75 -25.47
C SER B 41 28.72 0.28 -25.48
N ALA B 42 28.07 -0.18 -26.55
CA ALA B 42 27.69 -1.60 -26.61
C ALA B 42 28.96 -2.46 -26.57
N GLU B 43 29.93 -2.10 -27.41
CA GLU B 43 31.20 -2.83 -27.45
C GLU B 43 32.00 -2.73 -26.16
N LYS B 44 32.06 -1.55 -25.57
CA LYS B 44 32.71 -1.36 -24.28
C LYS B 44 32.11 -2.28 -23.23
N PHE B 45 30.78 -2.41 -23.27
CA PHE B 45 30.10 -3.28 -22.33
C PHE B 45 30.55 -4.72 -22.55
N GLU B 46 30.47 -5.14 -23.80
CA GLU B 46 30.74 -6.51 -24.19
C GLU B 46 32.15 -6.87 -23.83
N ASN B 47 33.07 -5.98 -24.18
CA ASN B 47 34.48 -6.19 -23.93
C ASN B 47 34.77 -6.29 -22.43
N SER B 48 34.11 -5.43 -21.65
CA SER B 48 34.26 -5.47 -20.21
C SER B 48 33.77 -6.82 -19.64
N LYS B 50 33.21 -9.73 -21.25
CA LYS B 50 34.07 -10.81 -21.73
C LYS B 50 35.42 -10.74 -21.02
N GLU B 51 35.88 -9.52 -20.75
CA GLU B 51 37.12 -9.30 -20.01
C GLU B 51 37.13 -10.07 -18.70
N LYS B 52 35.95 -10.19 -18.09
CA LYS B 52 35.84 -10.84 -16.78
C LYS B 52 35.51 -12.32 -16.90
N GLY B 53 35.52 -12.85 -18.11
CA GLY B 53 35.32 -14.27 -18.33
C GLY B 53 33.85 -14.66 -18.44
N PHE B 54 32.99 -13.66 -18.63
CA PHE B 54 31.58 -13.92 -18.81
C PHE B 54 31.23 -14.01 -20.29
N LYS B 55 30.13 -14.70 -20.60
CA LYS B 55 29.60 -14.64 -21.96
C LYS B 55 28.55 -13.55 -22.02
N ALA B 56 28.75 -12.65 -22.97
CA ALA B 56 28.00 -11.42 -23.04
C ALA B 56 27.98 -10.95 -24.48
N ARG B 57 26.97 -10.17 -24.82
CA ARG B 57 26.84 -9.59 -26.14
C ARG B 57 26.33 -8.17 -25.94
N GLY B 58 27.03 -7.20 -26.50
CA GLY B 58 26.58 -5.83 -26.43
C GLY B 58 25.91 -5.40 -27.72
N LEU B 59 24.65 -4.97 -27.64
CA LEU B 59 23.93 -4.51 -28.82
C LEU B 59 23.40 -3.10 -28.67
N VAL B 60 23.15 -2.44 -29.80
CA VAL B 60 22.63 -1.08 -29.77
C VAL B 60 21.10 -1.11 -29.69
N LEU B 61 20.54 -0.29 -28.80
CA LEU B 61 19.09 -0.18 -28.63
C LEU B 61 18.71 1.17 -28.02
N ASN B 62 17.81 1.87 -28.68
CA ASN B 62 17.18 2.99 -28.06
C ASN B 62 15.76 2.57 -27.70
N ILE B 63 15.51 2.31 -26.41
CA ILE B 63 14.22 1.74 -26.02
C ILE B 63 13.07 2.70 -26.27
N SER B 64 13.37 3.95 -26.61
CA SER B 64 12.36 4.94 -26.91
C SER B 64 11.93 4.97 -28.38
N ASP B 65 12.71 4.32 -29.22
CA ASP B 65 12.49 4.31 -30.66
C ASP B 65 11.97 2.95 -31.11
N ILE B 66 10.76 2.95 -31.67
CA ILE B 66 10.12 1.72 -32.11
C ILE B 66 10.92 0.99 -33.22
N GLU B 67 11.47 1.77 -34.14
CA GLU B 67 12.28 1.22 -35.21
C GLU B 67 13.52 0.56 -34.62
N SER B 68 14.13 1.22 -33.64
CA SER B 68 15.31 0.68 -33.01
C SER B 68 14.99 -0.64 -32.31
N ILE B 69 13.85 -0.70 -31.64
CA ILE B 69 13.39 -1.90 -30.97
C ILE B 69 13.13 -3.01 -32.00
N GLN B 70 12.53 -2.64 -33.12
CA GLN B 70 12.23 -3.56 -34.18
C GLN B 70 13.53 -4.14 -34.74
N ASN B 71 14.50 -3.29 -35.01
CA ASN B 71 15.79 -3.78 -35.48
C ASN B 71 16.48 -4.67 -34.45
N PHE B 72 16.40 -4.25 -33.20
CA PHE B 72 17.05 -4.99 -32.14
C PHE B 72 16.58 -6.43 -32.14
N PHE B 73 15.26 -6.63 -32.07
CA PHE B 73 14.75 -8.00 -32.01
C PHE B 73 14.99 -8.79 -33.28
N ALA B 74 15.11 -8.09 -34.40
CA ALA B 74 15.52 -8.72 -35.64
C ALA B 74 16.94 -9.28 -35.47
N GLU B 75 17.79 -8.52 -34.80
CA GLU B 75 19.16 -8.94 -34.58
C GLU B 75 19.29 -10.11 -33.61
N ILE B 76 18.61 -10.04 -32.46
CA ILE B 76 18.73 -11.15 -31.50
C ILE B 76 18.19 -12.42 -32.14
N LYS B 77 17.19 -12.27 -32.99
CA LYS B 77 16.62 -13.42 -33.69
C LYS B 77 17.64 -14.05 -34.64
N ALA B 78 18.32 -13.22 -35.42
CA ALA B 78 19.33 -13.70 -36.36
C ALA B 78 20.53 -14.32 -35.64
N GLU B 79 20.77 -13.90 -34.40
CA GLU B 79 21.82 -14.50 -33.58
C GLU B 79 21.31 -15.69 -32.76
N ASN B 80 20.08 -16.12 -33.01
CA ASN B 80 19.52 -17.28 -32.30
C ASN B 80 19.56 -17.17 -30.77
N LEU B 81 19.14 -16.01 -30.27
CA LEU B 81 19.15 -15.76 -28.82
C LEU B 81 17.72 -15.73 -28.29
N ALA B 82 17.37 -16.71 -27.47
CA ALA B 82 16.06 -16.74 -26.83
C ALA B 82 16.15 -16.16 -25.43
N ILE B 83 15.38 -15.12 -25.16
CA ILE B 83 15.50 -14.40 -23.90
C ILE B 83 14.67 -15.01 -22.77
N ASP B 84 15.35 -15.49 -21.74
CA ASP B 84 14.68 -16.10 -20.61
C ASP B 84 14.45 -15.08 -19.49
N ILE B 85 15.38 -14.15 -19.35
CA ILE B 85 15.31 -13.13 -18.31
C ILE B 85 15.38 -11.72 -18.91
N LEU B 86 14.32 -10.95 -18.72
CA LEU B 86 14.30 -9.58 -19.18
C LEU B 86 14.38 -8.63 -17.99
N VAL B 87 15.40 -7.78 -17.96
CA VAL B 87 15.53 -6.75 -16.96
C VAL B 87 15.39 -5.40 -17.65
N ASN B 88 14.26 -4.73 -17.44
CA ASN B 88 14.05 -3.41 -17.98
C ASN B 88 14.69 -2.38 -17.07
N ASN B 89 15.90 -1.96 -17.42
CA ASN B 89 16.65 -1.03 -16.57
C ASN B 89 16.69 0.38 -17.16
N ALA B 90 16.75 0.47 -18.48
CA ALA B 90 16.98 1.75 -19.14
C ALA B 90 15.82 2.73 -18.89
N GLY B 91 16.15 4.00 -18.68
CA GLY B 91 15.15 5.04 -18.50
C GLY B 91 15.71 6.45 -18.60
N ILE B 92 14.88 7.46 -18.36
CA ILE B 92 15.35 8.86 -18.36
C ILE B 92 14.45 9.72 -17.47
N THR B 93 14.97 10.85 -17.06
CA THR B 93 14.20 11.83 -16.32
C THR B 93 14.17 13.12 -17.14
N ARG B 94 13.03 13.82 -17.12
CA ARG B 94 12.92 15.20 -17.61
C ARG B 94 12.19 16.01 -16.52
N ASP B 95 12.92 16.42 -15.49
CA ASP B 95 12.32 17.02 -14.29
C ASP B 95 11.90 18.47 -14.54
N ASN B 96 10.77 18.85 -13.95
CA ASN B 96 10.21 20.20 -14.01
C ASN B 96 8.97 20.25 -13.12
N LEU B 97 8.70 21.41 -12.54
CA LEU B 97 7.37 21.68 -11.97
C LEU B 97 6.31 21.40 -13.04
N ARG B 100 5.08 24.21 -15.56
CA ARG B 100 6.01 24.64 -16.60
CA ARG B 100 6.03 24.64 -16.60
C ARG B 100 6.36 23.50 -17.55
N SER B 102 6.77 20.84 -20.29
CA SER B 102 6.33 20.78 -21.68
C SER B 102 5.67 19.46 -22.01
N GLU B 103 4.76 19.51 -22.97
CA GLU B 103 4.24 18.32 -23.64
C GLU B 103 5.39 17.34 -23.94
N ASP B 104 6.49 17.86 -24.44
CA ASP B 104 7.62 17.00 -24.80
C ASP B 104 8.30 16.33 -23.59
N GLU B 105 8.46 17.07 -22.50
CA GLU B 105 9.03 16.47 -21.29
C GLU B 105 8.09 15.39 -20.74
N TRP B 106 6.80 15.65 -20.82
CA TRP B 106 5.82 14.67 -20.35
C TRP B 106 5.87 13.40 -21.19
N GLN B 107 5.65 13.56 -22.49
CA GLN B 107 5.58 12.45 -23.44
C GLN B 107 6.85 11.62 -23.50
N SER B 108 8.00 12.28 -23.55
CA SER B 108 9.28 11.54 -23.60
C SER B 108 9.45 10.59 -22.42
N VAL B 109 9.06 11.04 -21.23
CA VAL B 109 9.21 10.23 -20.02
C VAL B 109 8.21 9.06 -19.94
N ILE B 110 6.96 9.32 -20.28
CA ILE B 110 5.99 8.25 -20.34
C ILE B 110 6.45 7.24 -21.38
N ASN B 111 6.83 7.73 -22.56
CA ASN B 111 7.23 6.88 -23.67
C ASN B 111 8.44 5.99 -23.31
N THR B 112 9.49 6.62 -22.77
CA THR B 112 10.75 5.94 -22.49
C THR B 112 10.72 5.02 -21.26
N ASN B 113 9.92 5.40 -20.26
CA ASN B 113 9.94 4.73 -18.96
C ASN B 113 8.74 3.84 -18.71
N LEU B 114 7.69 4.00 -19.51
CA LEU B 114 6.52 3.13 -19.34
C LEU B 114 6.26 2.30 -20.58
N SER B 115 6.07 2.97 -21.71
CA SER B 115 5.69 2.25 -22.91
C SER B 115 6.77 1.24 -23.30
N SER B 116 8.03 1.55 -22.95
CA SER B 116 9.15 0.68 -23.28
C SER B 116 8.99 -0.67 -22.62
N ILE B 117 8.46 -0.65 -21.39
CA ILE B 117 8.16 -1.88 -20.68
C ILE B 117 7.18 -2.74 -21.47
N PHE B 118 6.14 -2.12 -22.01
CA PHE B 118 5.15 -2.87 -22.80
C PHE B 118 5.84 -3.44 -24.03
N ARG B 119 6.59 -2.59 -24.72
CA ARG B 119 7.21 -3.00 -25.97
C ARG B 119 8.28 -4.08 -25.84
N SER B 121 8.57 -6.34 -23.22
CA SER B 121 7.96 -7.56 -22.73
C SER B 121 7.15 -8.25 -23.82
N LYS B 122 6.51 -7.46 -24.67
CA LYS B 122 5.72 -8.03 -25.75
C LYS B 122 6.61 -8.82 -26.70
N GLU B 123 7.87 -8.42 -26.83
CA GLU B 123 8.78 -9.13 -27.73
C GLU B 123 9.45 -10.34 -27.09
N CYS B 124 9.31 -10.48 -25.77
CA CYS B 124 9.99 -11.55 -25.04
C CYS B 124 9.05 -12.62 -24.50
N VAL B 125 7.78 -12.27 -24.32
CA VAL B 125 6.87 -13.15 -23.61
C VAL B 125 6.56 -14.46 -24.35
N ARG B 126 6.53 -14.42 -25.68
CA ARG B 126 6.19 -15.63 -26.44
CA ARG B 126 6.20 -15.62 -26.45
C ARG B 126 7.23 -16.73 -26.25
N GLY B 127 8.50 -16.36 -26.32
CA GLY B 127 9.57 -17.31 -26.07
C GLY B 127 9.44 -17.93 -24.68
N LYS B 130 6.54 -20.36 -24.42
CA LYS B 130 6.76 -21.65 -25.08
C LYS B 130 7.66 -22.57 -24.27
N LYS B 131 8.68 -22.01 -23.63
CA LYS B 131 9.55 -22.79 -22.76
C LYS B 131 8.96 -22.96 -21.37
N ARG B 132 7.84 -22.29 -21.12
CA ARG B 132 7.22 -22.33 -19.79
C ARG B 132 8.18 -21.94 -18.66
N TRP B 133 8.92 -20.88 -18.86
CA TRP B 133 9.76 -20.32 -17.80
C TRP B 133 10.20 -18.95 -18.21
N GLY B 134 10.15 -18.01 -17.29
CA GLY B 134 10.57 -16.66 -17.63
C GLY B 134 10.63 -15.80 -16.39
N ARG B 135 11.38 -14.72 -16.52
CA ARG B 135 11.41 -13.71 -15.48
C ARG B 135 11.36 -12.39 -16.18
N ILE B 136 10.44 -11.55 -15.77
CA ILE B 136 10.48 -10.16 -16.17
C ILE B 136 10.64 -9.33 -14.91
N ILE B 137 11.63 -8.47 -14.92
CA ILE B 137 11.90 -7.63 -13.77
C ILE B 137 12.18 -6.23 -14.28
N SER B 138 11.41 -5.26 -13.81
CA SER B 138 11.67 -3.88 -14.19
C SER B 138 12.22 -3.05 -13.04
N ILE B 139 13.17 -2.17 -13.34
CA ILE B 139 13.71 -1.28 -12.32
C ILE B 139 12.76 -0.11 -12.22
N GLY B 140 12.03 -0.05 -11.12
CA GLY B 140 11.16 1.09 -10.89
C GLY B 140 11.89 2.22 -10.19
N SER B 141 11.22 2.82 -9.21
CA SER B 141 11.81 3.86 -8.39
C SER B 141 10.94 4.14 -7.17
N VAL B 142 11.60 4.41 -6.06
CA VAL B 142 10.91 4.79 -4.82
C VAL B 142 9.86 5.86 -5.10
N VAL B 143 10.14 6.77 -6.02
CA VAL B 143 9.22 7.89 -6.29
C VAL B 143 7.91 7.46 -6.99
N GLY B 144 7.94 6.29 -7.61
CA GLY B 144 6.73 5.72 -8.18
C GLY B 144 5.69 5.46 -7.10
N SER B 145 6.16 5.12 -5.90
CA SER B 145 5.26 4.81 -4.80
C SER B 145 5.09 5.98 -3.84
N ALA B 146 6.17 6.73 -3.60
CA ALA B 146 6.15 7.83 -2.63
C ALA B 146 5.69 9.12 -3.27
N GLY B 147 5.91 9.24 -4.56
CA GLY B 147 5.72 10.53 -5.20
C GLY B 147 6.91 11.43 -4.92
N ASN B 148 7.11 12.43 -5.76
CA ASN B 148 8.21 13.38 -5.55
C ASN B 148 7.91 14.63 -6.35
N PRO B 149 8.00 15.79 -5.70
CA PRO B 149 7.68 17.03 -6.41
C PRO B 149 8.69 17.25 -7.52
N GLY B 150 8.26 17.83 -8.64
CA GLY B 150 9.15 18.10 -9.77
C GLY B 150 9.25 16.95 -10.77
N GLN B 151 8.54 15.86 -10.49
CA GLN B 151 8.69 14.67 -11.30
C GLN B 151 7.35 14.02 -11.60
N THR B 152 6.31 14.83 -11.80
CA THR B 152 5.01 14.23 -12.10
C THR B 152 5.07 13.21 -13.21
N ASN B 153 5.83 13.50 -14.25
CA ASN B 153 5.99 12.56 -15.36
C ASN B 153 6.71 11.26 -14.98
N TYR B 154 7.86 11.38 -14.33
CA TYR B 154 8.60 10.20 -13.85
C TYR B 154 7.82 9.35 -12.83
N CYS B 155 7.21 9.99 -11.84
CA CYS B 155 6.38 9.26 -10.87
C CYS B 155 5.20 8.56 -11.55
N ALA B 156 4.59 9.21 -12.54
CA ALA B 156 3.47 8.60 -13.25
C ALA B 156 3.97 7.36 -13.97
N ALA B 157 5.11 7.49 -14.65
CA ALA B 157 5.70 6.35 -15.39
C ALA B 157 6.05 5.17 -14.48
N LYS B 158 6.72 5.46 -13.37
CA LYS B 158 7.24 4.41 -12.51
C LYS B 158 6.11 3.72 -11.70
N ALA B 159 5.05 4.47 -11.43
CA ALA B 159 3.84 3.88 -10.85
C ALA B 159 3.11 3.03 -11.88
N GLY B 160 3.10 3.47 -13.13
CA GLY B 160 2.53 2.68 -14.21
C GLY B 160 3.28 1.38 -14.48
N VAL B 161 4.59 1.37 -14.26
CA VAL B 161 5.37 0.16 -14.44
C VAL B 161 4.89 -0.90 -13.47
N ILE B 162 4.54 -0.47 -12.26
CA ILE B 162 3.95 -1.38 -11.29
C ILE B 162 2.55 -1.89 -11.70
N GLY B 163 1.67 -0.98 -12.10
CA GLY B 163 0.37 -1.40 -12.62
C GLY B 163 0.48 -2.41 -13.75
N PHE B 164 1.39 -2.15 -14.68
CA PHE B 164 1.58 -3.04 -15.83
C PHE B 164 2.01 -4.42 -15.38
N SER B 165 2.93 -4.45 -14.41
CA SER B 165 3.53 -5.67 -13.94
C SER B 165 2.52 -6.55 -13.20
N LYS B 166 1.67 -5.93 -12.39
CA LYS B 166 0.64 -6.67 -11.66
C LYS B 166 -0.31 -7.30 -12.66
N SER B 167 -0.75 -6.52 -13.62
CA SER B 167 -1.64 -7.03 -14.66
C SER B 167 -0.99 -8.18 -15.42
N LEU B 168 0.25 -7.97 -15.87
CA LEU B 168 0.94 -8.97 -16.68
C LEU B 168 1.20 -10.25 -15.91
N ALA B 169 1.54 -10.12 -14.63
CA ALA B 169 1.76 -11.26 -13.75
C ALA B 169 0.61 -12.25 -13.82
N TYR B 170 -0.62 -11.74 -13.79
CA TYR B 170 -1.81 -12.59 -13.92
C TYR B 170 -1.84 -13.41 -15.22
N GLU B 171 -1.45 -12.77 -16.31
CA GLU B 171 -1.57 -13.38 -17.63
C GLU B 171 -0.55 -14.51 -17.84
N VAL B 172 0.64 -14.38 -17.25
CA VAL B 172 1.71 -15.35 -17.53
C VAL B 172 2.07 -16.28 -16.38
N ALA B 173 1.39 -16.13 -15.24
CA ALA B 173 1.74 -16.86 -14.03
C ALA B 173 1.67 -18.38 -14.17
N SER B 174 0.70 -18.85 -14.91
CA SER B 174 0.51 -20.28 -15.10
C SER B 174 1.59 -20.97 -15.96
N ARG B 175 2.37 -20.18 -16.68
CA ARG B 175 3.44 -20.70 -17.53
C ARG B 175 4.80 -20.55 -16.85
N ASN B 176 4.74 -20.37 -15.54
CA ASN B 176 5.94 -20.24 -14.73
C ASN B 176 6.78 -19.02 -15.09
N ILE B 177 6.09 -17.94 -15.40
CA ILE B 177 6.75 -16.67 -15.68
C ILE B 177 6.37 -15.73 -14.55
N THR B 178 7.37 -15.17 -13.90
CA THR B 178 7.10 -14.16 -12.87
C THR B 178 7.39 -12.76 -13.40
N VAL B 179 6.67 -11.78 -12.89
CA VAL B 179 6.81 -10.39 -13.32
C VAL B 179 6.85 -9.54 -12.05
N ASN B 180 7.96 -8.85 -11.83
CA ASN B 180 8.16 -8.11 -10.60
C ASN B 180 8.85 -6.80 -10.87
N VAL B 181 8.88 -5.97 -9.84
CA VAL B 181 9.51 -4.66 -9.91
C VAL B 181 10.48 -4.52 -8.75
N VAL B 182 11.70 -4.08 -9.04
CA VAL B 182 12.64 -3.70 -7.98
C VAL B 182 12.71 -2.20 -8.00
N ALA B 183 12.39 -1.60 -6.87
CA ALA B 183 12.31 -0.14 -6.79
C ALA B 183 13.44 0.41 -5.92
N PRO B 184 14.46 0.97 -6.56
CA PRO B 184 15.59 1.53 -5.81
C PRO B 184 15.24 2.84 -5.12
N GLY B 185 15.84 3.11 -3.97
CA GLY B 185 15.79 4.42 -3.36
C GLY B 185 16.91 5.25 -3.97
N PHE B 186 17.70 5.90 -3.13
CA PHE B 186 18.85 6.63 -3.65
C PHE B 186 20.00 5.66 -3.77
N ILE B 187 20.62 5.62 -4.94
CA ILE B 187 21.74 4.72 -5.14
C ILE B 187 22.86 5.50 -5.81
N ALA B 188 24.05 5.39 -5.27
CA ALA B 188 25.18 6.12 -5.83
C ALA B 188 25.52 5.54 -7.20
N THR B 189 25.60 6.39 -8.20
CA THR B 189 25.83 5.91 -9.56
C THR B 189 26.96 6.70 -10.21
N LYS B 194 26.98 13.09 -9.01
CA LYS B 194 26.34 14.37 -9.25
C LYS B 194 25.08 14.64 -8.44
N LEU B 195 25.16 14.60 -7.11
CA LEU B 195 23.99 14.83 -6.26
C LEU B 195 23.62 16.29 -6.03
N THR B 196 22.34 16.61 -6.19
CA THR B 196 21.80 17.92 -5.89
C THR B 196 21.73 18.08 -4.37
N ASP B 197 21.75 19.32 -3.90
CA ASP B 197 21.70 19.57 -2.46
C ASP B 197 20.39 19.07 -1.89
N GLU B 198 19.33 19.17 -2.67
CA GLU B 198 18.05 18.68 -2.22
C GLU B 198 18.12 17.18 -1.98
N GLN B 199 18.60 16.47 -3.00
CA GLN B 199 18.78 15.03 -2.89
C GLN B 199 19.66 14.67 -1.68
N LYS B 200 20.77 15.36 -1.52
CA LYS B 200 21.62 15.14 -0.36
CA LYS B 200 21.63 15.15 -0.36
C LYS B 200 20.83 15.37 0.93
N SER B 201 19.98 16.41 0.94
CA SER B 201 19.19 16.67 2.13
C SER B 201 18.17 15.56 2.35
N PHE B 202 17.50 15.14 1.27
CA PHE B 202 16.53 14.05 1.37
C PHE B 202 17.20 12.79 1.91
N ILE B 203 18.41 12.52 1.44
CA ILE B 203 19.21 11.42 1.96
C ILE B 203 19.39 11.57 3.46
N ALA B 204 19.73 12.79 3.88
CA ALA B 204 20.10 13.03 5.26
C ALA B 204 18.91 12.92 6.19
N THR B 205 17.71 13.16 5.68
CA THR B 205 16.52 13.23 6.52
C THR B 205 15.55 12.06 6.36
N LYS B 206 15.53 11.44 5.18
CA LYS B 206 14.51 10.45 4.90
C LYS B 206 15.00 9.00 5.00
N ILE B 207 16.31 8.81 4.94
CA ILE B 207 16.89 7.48 5.10
C ILE B 207 17.39 7.31 6.52
N PRO B 208 16.87 6.30 7.23
CA PRO B 208 17.15 6.15 8.65
C PRO B 208 18.64 6.14 8.96
N SER B 209 19.43 5.45 8.13
CA SER B 209 20.88 5.41 8.29
C SER B 209 21.57 6.63 7.69
N GLY B 210 20.89 7.34 6.79
CA GLY B 210 21.45 8.54 6.19
C GLY B 210 22.50 8.19 5.16
N GLN B 211 22.52 6.92 4.78
CA GLN B 211 23.45 6.44 3.77
C GLN B 211 22.76 6.16 2.43
N ILE B 212 23.39 6.60 1.35
CA ILE B 212 22.93 6.24 0.01
C ILE B 212 23.32 4.80 -0.33
N GLY B 213 22.53 4.13 -1.17
CA GLY B 213 22.79 2.73 -1.47
C GLY B 213 23.82 2.57 -2.57
N GLU B 214 24.06 1.33 -3.00
CA GLU B 214 25.02 1.08 -4.09
C GLU B 214 24.43 0.19 -5.19
N PRO B 215 24.98 0.26 -6.41
CA PRO B 215 24.42 -0.55 -7.50
C PRO B 215 24.32 -2.03 -7.12
N LYS B 216 25.26 -2.55 -6.35
CA LYS B 216 25.17 -3.97 -5.96
C LYS B 216 23.89 -4.26 -5.16
N ASP B 217 23.43 -3.32 -4.33
CA ASP B 217 22.17 -3.49 -3.64
C ASP B 217 21.00 -3.86 -4.59
N ILE B 218 20.94 -3.18 -5.73
CA ILE B 218 19.87 -3.42 -6.68
C ILE B 218 20.12 -4.69 -7.48
N ALA B 219 21.39 -4.93 -7.88
CA ALA B 219 21.75 -6.15 -8.61
C ALA B 219 21.46 -7.43 -7.82
N ALA B 220 21.75 -7.43 -6.52
CA ALA B 220 21.48 -8.63 -5.71
C ALA B 220 20.00 -8.95 -5.68
N ALA B 221 19.17 -7.91 -5.56
CA ALA B 221 17.72 -8.07 -5.51
C ALA B 221 17.18 -8.55 -6.86
N VAL B 222 17.65 -7.93 -7.95
CA VAL B 222 17.28 -8.39 -9.28
C VAL B 222 17.69 -9.85 -9.49
N ALA B 223 18.93 -10.19 -9.12
CA ALA B 223 19.39 -11.57 -9.28
C ALA B 223 18.60 -12.53 -8.42
N PHE B 224 18.22 -12.10 -7.21
CA PHE B 224 17.41 -12.98 -6.38
C PHE B 224 16.07 -13.27 -7.05
N LEU B 225 15.38 -12.22 -7.50
CA LEU B 225 14.11 -12.42 -8.20
C LEU B 225 14.27 -13.27 -9.47
N ALA B 226 15.44 -13.18 -10.11
CA ALA B 226 15.63 -13.88 -11.37
C ALA B 226 15.91 -15.36 -11.15
N SER B 227 16.24 -15.72 -9.92
CA SER B 227 16.62 -17.08 -9.61
C SER B 227 15.42 -18.01 -9.53
N GLU B 228 15.67 -19.30 -9.66
CA GLU B 228 14.61 -20.28 -9.62
C GLU B 228 13.96 -20.32 -8.23
N GLU B 229 14.71 -19.96 -7.20
CA GLU B 229 14.13 -20.03 -5.85
C GLU B 229 13.09 -18.95 -5.53
N ALA B 230 12.97 -17.95 -6.40
CA ALA B 230 11.95 -16.89 -6.22
C ALA B 230 10.74 -17.18 -7.11
N LYS B 231 10.61 -18.44 -7.52
CA LYS B 231 9.55 -18.86 -8.44
C LYS B 231 8.15 -18.47 -7.95
N TYR B 232 7.99 -18.32 -6.64
CA TYR B 232 6.65 -18.12 -6.08
C TYR B 232 6.38 -16.65 -5.76
N ILE B 233 7.27 -15.77 -6.20
CA ILE B 233 7.11 -14.33 -6.04
C ILE B 233 6.73 -13.68 -7.38
N THR B 234 5.52 -13.17 -7.49
CA THR B 234 5.16 -12.47 -8.70
C THR B 234 4.18 -11.34 -8.42
N GLY B 235 4.19 -10.34 -9.28
CA GLY B 235 3.34 -9.17 -9.12
C GLY B 235 3.81 -8.22 -8.01
N GLN B 236 5.05 -8.36 -7.56
CA GLN B 236 5.50 -7.67 -6.35
C GLN B 236 6.44 -6.55 -6.68
N THR B 237 6.57 -5.62 -5.73
CA THR B 237 7.51 -4.53 -5.84
C THR B 237 8.45 -4.64 -4.65
N LEU B 238 9.71 -4.91 -4.90
CA LEU B 238 10.69 -5.05 -3.82
C LEU B 238 11.45 -3.74 -3.66
N HIS B 239 11.24 -3.07 -2.53
CA HIS B 239 11.83 -1.77 -2.30
C HIS B 239 13.21 -1.88 -1.69
N VAL B 240 14.21 -1.38 -2.40
CA VAL B 240 15.57 -1.36 -1.89
C VAL B 240 16.02 0.09 -1.68
N ASN B 241 15.71 0.64 -0.51
CA ASN B 241 15.85 2.09 -0.29
C ASN B 241 16.32 2.52 1.10
N GLY B 242 16.86 1.58 1.87
CA GLY B 242 17.40 1.90 3.18
C GLY B 242 16.32 2.25 4.19
N GLY B 243 15.08 2.07 3.80
CA GLY B 243 13.95 2.28 4.69
C GLY B 243 13.30 3.64 4.49
N TYR B 245 11.19 4.48 2.24
CA TYR B 245 9.76 4.24 2.02
C TYR B 245 9.50 2.78 2.42
N ALA B 247 6.63 -0.11 2.45
CA ALA B 247 5.31 -0.53 2.00
C ALA B 247 4.81 -1.64 2.91
N SER C 2 -29.14 12.38 7.00
CA SER C 2 -29.05 10.97 6.67
C SER C 2 -29.26 10.15 7.91
N LEU C 3 -28.75 10.63 9.03
CA LEU C 3 -28.67 9.88 10.27
C LEU C 3 -29.76 10.11 11.32
N ASN C 4 -30.85 10.75 10.91
CA ASN C 4 -31.93 11.01 11.85
C ASN C 4 -32.33 9.83 12.76
N GLU C 5 -32.46 8.63 12.22
CA GLU C 5 -32.86 7.49 13.04
C GLU C 5 -31.74 6.72 13.75
N LYS C 6 -30.50 7.07 13.47
CA LYS C 6 -29.34 6.37 14.00
C LYS C 6 -28.85 6.77 15.39
N VAL C 7 -28.22 5.82 16.09
CA VAL C 7 -27.60 6.05 17.38
C VAL C 7 -26.11 5.81 17.22
N ALA C 8 -25.31 6.80 17.56
CA ALA C 8 -23.86 6.69 17.44
C ALA C 8 -23.24 6.54 18.83
N LEU C 9 -22.20 5.71 18.92
CA LEU C 9 -21.39 5.63 20.13
C LEU C 9 -19.98 6.16 19.82
N VAL C 10 -19.59 7.21 20.52
CA VAL C 10 -18.25 7.77 20.36
C VAL C 10 -17.48 7.66 21.65
N THR C 11 -16.40 6.87 21.67
CA THR C 11 -15.61 6.72 22.88
C THR C 11 -14.62 7.88 23.06
N GLY C 12 -14.41 8.27 24.31
CA GLY C 12 -13.59 9.42 24.63
C GLY C 12 -14.10 10.67 23.96
N ALA C 13 -15.40 10.95 24.13
CA ALA C 13 -16.02 12.02 23.36
C ALA C 13 -15.91 13.39 24.02
N SER C 14 -15.26 13.47 25.18
CA SER C 14 -15.21 14.70 25.95
C SER C 14 -14.74 15.91 25.16
N ARG C 15 -13.59 15.77 24.52
CA ARG C 15 -12.98 16.89 23.82
C ARG C 15 -12.29 16.44 22.55
N GLY C 16 -11.59 17.37 21.90
CA GLY C 16 -10.80 17.07 20.72
C GLY C 16 -11.56 16.33 19.64
N ILE C 17 -10.87 15.40 18.99
CA ILE C 17 -11.41 14.62 17.90
C ILE C 17 -12.70 13.92 18.33
N GLY C 18 -12.71 13.39 19.54
CA GLY C 18 -13.89 12.70 20.00
C GLY C 18 -15.10 13.64 19.99
N PHE C 19 -14.92 14.83 20.56
CA PHE C 19 -16.03 15.77 20.65
C PHE C 19 -16.50 16.28 19.29
N GLU C 20 -15.57 16.66 18.42
CA GLU C 20 -15.97 17.11 17.08
C GLU C 20 -16.71 16.01 16.32
N VAL C 21 -16.27 14.77 16.50
CA VAL C 21 -16.96 13.64 15.90
C VAL C 21 -18.42 13.60 16.37
N ALA C 22 -18.60 13.67 17.68
CA ALA C 22 -19.95 13.72 18.27
C ALA C 22 -20.76 14.83 17.63
N HIS C 23 -20.18 16.03 17.60
CA HIS C 23 -20.83 17.20 17.03
C HIS C 23 -21.20 16.93 15.57
N ALA C 24 -20.27 16.33 14.85
CA ALA C 24 -20.43 16.08 13.42
C ALA C 24 -21.58 15.10 13.15
N LEU C 25 -21.65 14.03 13.92
CA LEU C 25 -22.71 13.07 13.69
C LEU C 25 -24.06 13.64 14.16
N ALA C 26 -24.07 14.27 15.32
CA ALA C 26 -25.32 14.85 15.81
C ALA C 26 -25.87 15.82 14.78
N SER C 27 -24.97 16.63 14.21
CA SER C 27 -25.31 17.56 13.14
C SER C 27 -26.07 16.90 12.01
N LYS C 28 -25.76 15.63 11.75
CA LYS C 28 -26.43 14.90 10.69
C LYS C 28 -27.72 14.28 11.20
N GLY C 29 -28.02 14.51 12.46
CA GLY C 29 -29.28 14.06 13.05
C GLY C 29 -29.16 12.84 13.93
N ALA C 30 -27.94 12.34 14.10
CA ALA C 30 -27.72 11.16 14.90
C ALA C 30 -28.03 11.46 16.35
N THR C 31 -28.56 10.47 17.07
CA THR C 31 -28.54 10.52 18.52
C THR C 31 -27.15 10.03 18.93
N VAL C 32 -26.46 10.77 19.78
CA VAL C 32 -25.07 10.40 20.09
C VAL C 32 -24.83 10.02 21.55
N VAL C 33 -24.33 8.81 21.76
CA VAL C 33 -23.85 8.43 23.08
C VAL C 33 -22.35 8.70 23.15
N GLY C 34 -21.96 9.64 24.01
CA GLY C 34 -20.54 9.92 24.21
C GLY C 34 -20.06 9.32 25.52
N THR C 35 -18.83 8.83 25.55
CA THR C 35 -18.32 8.23 26.77
C THR C 35 -17.12 8.95 27.34
N ALA C 36 -17.04 8.96 28.66
CA ALA C 36 -15.96 9.61 29.36
C ALA C 36 -15.56 8.78 30.57
N THR C 37 -14.33 8.98 31.03
CA THR C 37 -13.82 8.28 32.18
C THR C 37 -14.53 8.61 33.51
N SER C 38 -14.95 9.86 33.68
CA SER C 38 -15.60 10.30 34.90
C SER C 38 -17.06 10.75 34.75
N GLN C 39 -17.82 10.67 35.83
CA GLN C 39 -19.21 11.05 35.79
C GLN C 39 -19.36 12.52 35.46
N ALA C 40 -18.51 13.36 36.04
CA ALA C 40 -18.61 14.78 35.75
C ALA C 40 -18.37 15.08 34.27
N SER C 41 -17.34 14.46 33.71
CA SER C 41 -17.01 14.67 32.30
C SER C 41 -18.11 14.15 31.41
N ALA C 42 -18.67 13.01 31.78
CA ALA C 42 -19.76 12.42 31.04
C ALA C 42 -20.98 13.31 31.09
N GLU C 43 -21.27 13.86 32.26
CA GLU C 43 -22.36 14.79 32.47
C GLU C 43 -22.11 16.08 31.70
N LYS C 44 -20.86 16.52 31.70
CA LYS C 44 -20.44 17.71 30.99
C LYS C 44 -20.70 17.58 29.49
N PHE C 45 -20.29 16.44 28.93
CA PHE C 45 -20.51 16.20 27.52
C PHE C 45 -22.01 16.27 27.21
N GLU C 46 -22.81 15.54 27.97
CA GLU C 46 -24.25 15.46 27.70
C GLU C 46 -24.89 16.84 27.69
N ASN C 47 -24.63 17.61 28.74
CA ASN C 47 -25.12 18.97 28.85
C ASN C 47 -24.64 19.88 27.73
N SER C 48 -23.39 19.70 27.33
CA SER C 48 -22.82 20.46 26.23
C SER C 48 -23.64 20.26 24.97
N LYS C 50 -26.62 18.67 24.45
CA LYS C 50 -28.03 19.02 24.60
C LYS C 50 -28.23 20.53 24.57
N GLU C 51 -27.20 21.25 24.99
CA GLU C 51 -27.24 22.71 24.95
C GLU C 51 -27.29 23.19 23.50
N LYS C 52 -26.55 22.53 22.63
CA LYS C 52 -26.55 22.88 21.21
C LYS C 52 -27.76 22.29 20.51
N GLY C 53 -28.71 21.76 21.28
CA GLY C 53 -29.95 21.24 20.73
C GLY C 53 -29.86 19.84 20.14
N PHE C 54 -28.83 19.09 20.50
CA PHE C 54 -28.68 17.74 19.98
C PHE C 54 -29.26 16.72 20.94
N LYS C 55 -29.61 15.55 20.40
CA LYS C 55 -29.94 14.39 21.20
C LYS C 55 -28.63 13.68 21.59
N ALA C 56 -28.33 13.69 22.89
CA ALA C 56 -27.04 13.17 23.38
C ALA C 56 -27.15 12.49 24.74
N ARG C 57 -26.35 11.45 24.94
CA ARG C 57 -26.22 10.83 26.25
C ARG C 57 -24.73 10.71 26.55
N GLY C 58 -24.34 11.10 27.77
CA GLY C 58 -22.97 10.93 28.19
C GLY C 58 -22.91 9.87 29.26
N LEU C 59 -22.09 8.85 29.06
CA LEU C 59 -21.97 7.75 30.03
C LEU C 59 -20.51 7.50 30.39
N VAL C 60 -20.31 6.86 31.54
CA VAL C 60 -18.96 6.51 31.99
C VAL C 60 -18.52 5.22 31.34
N LEU C 61 -17.27 5.20 30.87
CA LEU C 61 -16.74 4.02 30.19
C LEU C 61 -15.21 4.01 30.25
N ASN C 62 -14.64 2.97 30.85
CA ASN C 62 -13.20 2.81 30.75
C ASN C 62 -12.90 1.58 29.90
N ILE C 63 -12.22 1.81 28.79
CA ILE C 63 -12.13 0.82 27.74
C ILE C 63 -11.02 -0.24 27.94
N SER C 64 -10.35 -0.20 29.10
CA SER C 64 -9.30 -1.17 29.40
C SER C 64 -9.78 -2.16 30.44
N ASP C 65 -10.92 -1.85 31.06
CA ASP C 65 -11.48 -2.71 32.09
C ASP C 65 -12.68 -3.48 31.55
N ILE C 66 -12.52 -4.78 31.38
CA ILE C 66 -13.57 -5.61 30.83
C ILE C 66 -14.88 -5.43 31.61
N GLU C 67 -14.74 -5.19 32.91
CA GLU C 67 -15.86 -4.96 33.82
C GLU C 67 -16.64 -3.69 33.51
N SER C 68 -15.92 -2.63 33.16
CA SER C 68 -16.51 -1.33 32.86
C SER C 68 -17.29 -1.42 31.55
N ILE C 69 -16.71 -2.10 30.58
CA ILE C 69 -17.37 -2.37 29.31
C ILE C 69 -18.69 -3.06 29.58
N GLN C 70 -18.65 -4.09 30.43
CA GLN C 70 -19.82 -4.86 30.77
C GLN C 70 -20.94 -3.99 31.37
N ASN C 71 -20.62 -3.15 32.36
CA ASN C 71 -21.62 -2.29 32.99
C ASN C 71 -22.24 -1.33 31.97
N PHE C 72 -21.42 -0.84 31.07
CA PHE C 72 -21.83 0.18 30.12
C PHE C 72 -22.88 -0.34 29.14
N PHE C 73 -22.61 -1.49 28.53
CA PHE C 73 -23.56 -2.05 27.58
C PHE C 73 -24.87 -2.47 28.24
N ALA C 74 -24.83 -2.75 29.54
CA ALA C 74 -26.04 -3.06 30.28
C ALA C 74 -26.89 -1.80 30.48
N GLU C 75 -26.22 -0.68 30.73
CA GLU C 75 -26.91 0.59 30.89
C GLU C 75 -27.59 1.06 29.60
N ILE C 76 -26.89 1.01 28.47
CA ILE C 76 -27.55 1.37 27.21
C ILE C 76 -28.67 0.39 26.85
N LYS C 77 -28.47 -0.88 27.20
CA LYS C 77 -29.52 -1.86 26.97
C LYS C 77 -30.81 -1.41 27.66
N ALA C 78 -30.70 -1.06 28.94
CA ALA C 78 -31.86 -0.63 29.71
C ALA C 78 -32.42 0.70 29.25
N GLU C 79 -31.58 1.54 28.65
CA GLU C 79 -32.05 2.83 28.17
C GLU C 79 -32.64 2.71 26.78
N ASN C 80 -32.66 1.48 26.27
CA ASN C 80 -33.15 1.20 24.93
C ASN C 80 -32.38 1.97 23.87
N LEU C 81 -31.05 1.92 23.96
CA LEU C 81 -30.18 2.55 22.99
C LEU C 81 -29.35 1.50 22.29
N ALA C 82 -29.74 1.17 21.06
CA ALA C 82 -28.99 0.22 20.24
C ALA C 82 -28.05 1.00 19.34
N ILE C 83 -26.77 0.64 19.37
CA ILE C 83 -25.75 1.34 18.63
C ILE C 83 -25.74 0.97 17.14
N ASP C 84 -25.87 1.97 16.27
CA ASP C 84 -25.83 1.78 14.82
C ASP C 84 -24.49 2.20 14.22
N ILE C 85 -23.85 3.16 14.85
CA ILE C 85 -22.55 3.68 14.43
C ILE C 85 -21.61 3.61 15.61
N LEU C 86 -20.52 2.87 15.47
CA LEU C 86 -19.51 2.85 16.51
C LEU C 86 -18.27 3.54 16.00
N VAL C 87 -17.78 4.52 16.76
CA VAL C 87 -16.53 5.20 16.47
C VAL C 87 -15.54 4.95 17.60
N ASN C 88 -14.52 4.16 17.32
CA ASN C 88 -13.48 3.88 18.29
C ASN C 88 -12.45 5.00 18.31
N ASN C 89 -12.55 5.85 19.32
CA ASN C 89 -11.66 7.01 19.40
C ASN C 89 -10.54 6.74 20.41
N ALA C 90 -10.85 5.88 21.38
CA ALA C 90 -9.92 5.46 22.44
C ALA C 90 -8.51 5.12 22.00
N GLY C 91 -7.56 5.28 22.92
CA GLY C 91 -6.16 5.00 22.64
C GLY C 91 -5.21 5.86 23.45
N ILE C 92 -4.04 5.32 23.75
CA ILE C 92 -3.00 6.05 24.45
C ILE C 92 -1.65 5.66 23.88
N THR C 93 -0.63 6.46 24.21
CA THR C 93 0.74 6.17 23.83
C THR C 93 1.62 6.00 25.07
N ARG C 94 2.60 5.11 24.96
CA ARG C 94 3.65 4.99 25.96
C ARG C 94 4.93 4.84 25.18
N ASP C 95 5.48 5.95 24.71
CA ASP C 95 6.63 5.90 23.81
C ASP C 95 7.89 5.53 24.57
N ASN C 96 8.79 4.82 23.89
CA ASN C 96 10.07 4.46 24.47
C ASN C 96 10.83 3.67 23.39
N LEU C 97 12.17 3.67 23.45
CA LEU C 97 12.94 2.80 22.58
C LEU C 97 12.58 1.36 22.89
N ARG C 100 14.26 -0.73 25.54
CA ARG C 100 14.06 -0.32 26.92
C ARG C 100 12.60 -0.48 27.35
N SER C 102 9.02 -1.36 28.61
CA SER C 102 8.59 -2.28 29.65
C SER C 102 7.38 -3.12 29.21
N GLU C 103 7.14 -4.21 29.93
CA GLU C 103 5.98 -5.02 29.62
C GLU C 103 4.72 -4.18 29.78
N ASP C 104 4.73 -3.25 30.73
CA ASP C 104 3.57 -2.40 30.98
C ASP C 104 3.36 -1.45 29.79
N GLU C 105 4.43 -0.80 29.35
CA GLU C 105 4.34 0.12 28.22
C GLU C 105 3.87 -0.60 26.96
N TRP C 106 4.36 -1.82 26.75
CA TRP C 106 3.92 -2.60 25.58
C TRP C 106 2.46 -3.01 25.68
N GLN C 107 2.12 -3.71 26.75
CA GLN C 107 0.81 -4.31 26.90
C GLN C 107 -0.29 -3.26 27.05
N SER C 108 0.01 -2.18 27.75
CA SER C 108 -0.92 -1.05 27.91
C SER C 108 -1.39 -0.54 26.58
N VAL C 109 -0.44 -0.25 25.70
CA VAL C 109 -0.77 0.27 24.38
C VAL C 109 -1.56 -0.74 23.52
N ILE C 110 -1.13 -1.99 23.50
CA ILE C 110 -1.82 -3.00 22.72
C ILE C 110 -3.25 -3.17 23.20
N ASN C 111 -3.43 -3.11 24.52
CA ASN C 111 -4.74 -3.35 25.12
C ASN C 111 -5.68 -2.18 24.86
N THR C 112 -5.14 -0.98 24.95
CA THR C 112 -5.98 0.20 24.90
C THR C 112 -6.26 0.63 23.48
N ASN C 113 -5.33 0.36 22.58
CA ASN C 113 -5.48 0.81 21.19
C ASN C 113 -6.03 -0.27 20.28
N LEU C 114 -5.67 -1.52 20.56
CA LEU C 114 -6.02 -2.63 19.68
C LEU C 114 -7.10 -3.57 20.24
N SER C 115 -6.84 -4.12 21.41
CA SER C 115 -7.77 -5.06 22.01
C SER C 115 -9.11 -4.41 22.30
N SER C 116 -9.10 -3.09 22.44
CA SER C 116 -10.33 -2.35 22.70
C SER C 116 -11.31 -2.41 21.53
N ILE C 117 -10.77 -2.45 20.33
CA ILE C 117 -11.61 -2.39 19.14
C ILE C 117 -12.44 -3.65 19.04
N PHE C 118 -11.79 -4.76 19.38
CA PHE C 118 -12.42 -6.06 19.38
C PHE C 118 -13.50 -6.06 20.44
N ARG C 119 -13.13 -5.64 21.64
CA ARG C 119 -14.09 -5.65 22.75
C ARG C 119 -15.33 -4.84 22.42
N SER C 121 -16.33 -3.69 19.35
CA SER C 121 -17.01 -4.14 18.15
C SER C 121 -17.90 -5.32 18.50
N LYS C 122 -17.37 -6.25 19.29
CA LYS C 122 -18.11 -7.44 19.67
C LYS C 122 -19.48 -7.14 20.33
N GLU C 123 -19.61 -6.02 21.02
CA GLU C 123 -20.85 -5.69 21.72
C GLU C 123 -21.89 -4.96 20.87
N CYS C 124 -21.47 -4.46 19.72
CA CYS C 124 -22.33 -3.69 18.86
C CYS C 124 -22.76 -4.44 17.60
N VAL C 125 -21.98 -5.41 17.18
CA VAL C 125 -22.21 -6.07 15.91
C VAL C 125 -23.54 -6.79 15.77
N ARG C 126 -24.00 -7.45 16.83
CA ARG C 126 -25.25 -8.19 16.72
C ARG C 126 -26.46 -7.32 16.38
N GLY C 127 -26.57 -6.19 17.06
CA GLY C 127 -27.66 -5.28 16.83
C GLY C 127 -27.67 -4.73 15.42
N LYS C 130 -28.69 -7.45 13.00
CA LYS C 130 -30.12 -7.68 13.16
C LYS C 130 -30.88 -6.68 12.31
N LYS C 131 -30.44 -5.42 12.32
CA LYS C 131 -31.08 -4.36 11.52
C LYS C 131 -30.55 -4.28 10.09
N ARG C 132 -29.53 -5.06 9.78
CA ARG C 132 -28.91 -5.01 8.47
C ARG C 132 -28.39 -3.60 8.12
N TRP C 133 -27.88 -2.89 9.10
CA TRP C 133 -27.17 -1.64 8.84
C TRP C 133 -26.20 -1.35 9.98
N GLY C 134 -25.00 -0.94 9.65
CA GLY C 134 -24.05 -0.53 10.66
C GLY C 134 -22.86 0.23 10.11
N ARG C 135 -22.21 0.98 10.97
CA ARG C 135 -20.95 1.60 10.62
C ARG C 135 -19.99 1.34 11.78
N ILE C 136 -18.83 0.78 11.47
CA ILE C 136 -17.72 0.75 12.44
C ILE C 136 -16.56 1.58 11.89
N ILE C 137 -16.17 2.60 12.65
CA ILE C 137 -15.06 3.46 12.24
C ILE C 137 -14.08 3.65 13.36
N SER C 138 -12.82 3.33 13.11
CA SER C 138 -11.81 3.43 14.15
C SER C 138 -10.74 4.50 13.86
N ILE C 139 -10.42 5.31 14.87
CA ILE C 139 -9.44 6.36 14.69
C ILE C 139 -8.06 5.73 14.82
N GLY C 140 -7.33 5.64 13.71
CA GLY C 140 -6.03 5.01 13.71
C GLY C 140 -4.96 6.08 13.85
N SER C 141 -3.92 5.98 13.01
CA SER C 141 -2.83 6.93 13.07
C SER C 141 -1.88 6.78 11.89
N VAL C 142 -1.35 7.90 11.42
CA VAL C 142 -0.39 7.84 10.32
C VAL C 142 0.76 6.89 10.62
N VAL C 143 1.14 6.74 11.90
CA VAL C 143 2.31 5.92 12.25
C VAL C 143 2.03 4.43 12.11
N GLY C 144 0.76 4.07 12.12
CA GLY C 144 0.37 2.70 11.84
C GLY C 144 0.78 2.26 10.43
N SER C 145 0.91 3.19 9.50
CA SER C 145 1.30 2.83 8.11
C SER C 145 2.75 3.23 7.84
N ALA C 146 3.18 4.35 8.39
CA ALA C 146 4.52 4.84 8.11
C ALA C 146 5.58 4.26 9.06
N GLY C 147 5.17 3.84 10.25
CA GLY C 147 6.14 3.54 11.28
C GLY C 147 6.74 4.84 11.80
N ASN C 148 7.30 4.77 13.01
CA ASN C 148 7.86 5.94 13.70
C ASN C 148 8.71 5.44 14.84
N PRO C 149 9.97 5.84 14.89
CA PRO C 149 10.83 5.32 15.96
C PRO C 149 10.30 5.74 17.33
N GLY C 150 10.41 4.84 18.30
CA GLY C 150 10.03 5.16 19.66
C GLY C 150 8.60 4.78 19.93
N GLN C 151 7.96 4.12 18.95
CA GLN C 151 6.56 3.79 19.05
C GLN C 151 6.25 2.41 18.51
N THR C 152 7.19 1.48 18.67
CA THR C 152 6.98 0.11 18.19
C THR C 152 5.65 -0.41 18.71
N ASN C 153 5.33 -0.09 19.97
CA ASN C 153 4.04 -0.48 20.54
C ASN C 153 2.82 0.16 19.86
N TYR C 154 2.86 1.49 19.71
CA TYR C 154 1.76 2.23 19.12
C TYR C 154 1.61 1.90 17.63
N CYS C 155 2.73 1.77 16.94
CA CYS C 155 2.68 1.38 15.52
C CYS C 155 2.09 -0.01 15.33
N ALA C 156 2.53 -0.97 16.13
CA ALA C 156 1.95 -2.31 16.07
C ALA C 156 0.44 -2.27 16.32
N ALA C 157 0.00 -1.52 17.34
CA ALA C 157 -1.41 -1.49 17.67
C ALA C 157 -2.23 -0.88 16.55
N LYS C 158 -1.78 0.27 16.03
CA LYS C 158 -2.53 0.97 14.97
C LYS C 158 -2.53 0.21 13.65
N ALA C 159 -1.43 -0.48 13.34
CA ALA C 159 -1.42 -1.33 12.16
C ALA C 159 -2.38 -2.50 12.37
N GLY C 160 -2.36 -3.05 13.58
CA GLY C 160 -3.27 -4.10 13.97
C GLY C 160 -4.74 -3.72 13.86
N VAL C 161 -5.05 -2.45 14.13
CA VAL C 161 -6.43 -1.98 14.00
C VAL C 161 -6.87 -2.13 12.57
N ILE C 162 -5.98 -1.82 11.63
CA ILE C 162 -6.34 -1.97 10.22
C ILE C 162 -6.56 -3.44 9.82
N GLY C 163 -5.68 -4.33 10.27
CA GLY C 163 -5.83 -5.75 9.98
C GLY C 163 -7.13 -6.30 10.50
N PHE C 164 -7.48 -5.89 11.73
CA PHE C 164 -8.73 -6.28 12.35
C PHE C 164 -9.92 -5.81 11.52
N SER C 165 -9.83 -4.58 11.03
CA SER C 165 -10.96 -3.97 10.33
C SER C 165 -11.12 -4.61 8.95
N LYS C 166 -10.01 -4.86 8.28
CA LYS C 166 -10.06 -5.58 7.00
C LYS C 166 -10.77 -6.92 7.20
N SER C 167 -10.28 -7.70 8.15
CA SER C 167 -10.89 -8.98 8.42
C SER C 167 -12.40 -8.84 8.74
N LEU C 168 -12.75 -7.93 9.66
CA LEU C 168 -14.14 -7.79 10.08
C LEU C 168 -15.04 -7.34 8.94
N ALA C 169 -14.53 -6.46 8.07
CA ALA C 169 -15.30 -5.96 6.93
C ALA C 169 -15.88 -7.10 6.09
N TYR C 170 -15.12 -8.19 5.95
CA TYR C 170 -15.61 -9.36 5.21
C TYR C 170 -16.77 -10.04 5.92
N GLU C 171 -16.65 -10.21 7.23
CA GLU C 171 -17.66 -10.92 8.01
C GLU C 171 -19.02 -10.22 8.00
N VAL C 172 -19.02 -8.89 8.03
CA VAL C 172 -20.25 -8.14 8.17
C VAL C 172 -20.79 -7.49 6.88
N ALA C 173 -20.04 -7.57 5.78
CA ALA C 173 -20.40 -6.85 4.57
C ALA C 173 -21.80 -7.23 4.06
N SER C 174 -22.18 -8.49 4.13
CA SER C 174 -23.49 -8.96 3.68
C SER C 174 -24.65 -8.34 4.48
N ARG C 175 -24.37 -7.89 5.69
CA ARG C 175 -25.38 -7.28 6.55
C ARG C 175 -25.34 -5.76 6.48
N ASN C 176 -24.72 -5.26 5.41
CA ASN C 176 -24.66 -3.83 5.15
C ASN C 176 -23.99 -3.02 6.28
N ILE C 177 -22.95 -3.61 6.83
CA ILE C 177 -22.15 -2.97 7.86
C ILE C 177 -20.78 -2.76 7.25
N THR C 178 -20.28 -1.52 7.28
CA THR C 178 -18.93 -1.23 6.80
C THR C 178 -17.99 -0.99 7.96
N VAL C 179 -16.71 -1.30 7.75
CA VAL C 179 -15.72 -1.18 8.78
C VAL C 179 -14.54 -0.47 8.14
N ASN C 180 -14.16 0.67 8.70
CA ASN C 180 -13.15 1.52 8.08
C ASN C 180 -12.28 2.14 9.18
N VAL C 181 -11.17 2.74 8.78
CA VAL C 181 -10.23 3.38 9.70
C VAL C 181 -9.96 4.77 9.14
N VAL C 182 -10.00 5.78 10.01
CA VAL C 182 -9.53 7.12 9.66
C VAL C 182 -8.22 7.34 10.40
N ALA C 183 -7.15 7.62 9.65
CA ALA C 183 -5.83 7.72 10.25
C ALA C 183 -5.34 9.15 10.22
N PRO C 184 -5.43 9.85 11.36
CA PRO C 184 -4.96 11.23 11.49
C PRO C 184 -3.45 11.34 11.36
N GLY C 185 -2.99 12.41 10.73
CA GLY C 185 -1.61 12.83 10.82
C GLY C 185 -1.45 13.67 12.07
N PHE C 186 -0.84 14.86 11.92
CA PHE C 186 -0.59 15.78 13.02
C PHE C 186 -1.78 16.70 13.23
N ILE C 187 -2.55 16.42 14.28
CA ILE C 187 -3.78 17.16 14.52
C ILE C 187 -3.62 17.94 15.82
N ALA C 188 -4.10 19.17 15.85
CA ALA C 188 -4.04 19.96 17.08
C ALA C 188 -4.96 19.31 18.11
N THR C 189 -4.40 19.00 19.26
CA THR C 189 -5.07 18.22 20.29
C THR C 189 -4.40 18.36 21.66
N ASP C 190 -5.02 17.80 22.70
CA ASP C 190 -4.42 17.93 24.03
C ASP C 190 -3.05 17.27 24.09
N THR C 192 -0.92 16.68 21.57
CA THR C 192 0.02 17.39 20.71
C THR C 192 0.48 18.66 21.41
N ASP C 193 -0.40 19.23 22.23
CA ASP C 193 -0.08 20.44 22.98
C ASP C 193 1.09 20.16 23.90
N LYS C 194 1.21 18.91 24.33
CA LYS C 194 2.28 18.52 25.23
C LYS C 194 3.63 18.70 24.57
N LEU C 195 3.68 18.42 23.27
CA LEU C 195 4.93 18.37 22.53
C LEU C 195 5.66 19.68 22.64
N THR C 196 6.99 19.62 22.58
CA THR C 196 7.79 20.82 22.72
C THR C 196 7.77 21.61 21.42
N ASP C 197 8.16 22.89 21.52
CA ASP C 197 8.31 23.76 20.37
C ASP C 197 9.13 23.09 19.29
N GLU C 198 10.17 22.37 19.71
CA GLU C 198 11.11 21.77 18.78
C GLU C 198 10.46 20.60 18.04
N GLN C 199 9.83 19.70 18.79
CA GLN C 199 9.24 18.52 18.16
C GLN C 199 8.01 18.87 17.33
N LYS C 200 7.37 19.99 17.64
CA LYS C 200 6.33 20.50 16.76
C LYS C 200 6.98 20.92 15.44
N SER C 201 8.09 21.65 15.55
CA SER C 201 8.82 22.14 14.38
C SER C 201 9.32 21.01 13.50
N PHE C 202 9.87 19.99 14.14
CA PHE C 202 10.40 18.86 13.40
C PHE C 202 9.29 18.21 12.60
N ILE C 203 8.17 17.94 13.24
CA ILE C 203 7.04 17.31 12.55
C ILE C 203 6.58 18.19 11.39
N ALA C 204 6.62 19.51 11.57
CA ALA C 204 6.26 20.43 10.50
C ALA C 204 7.04 20.14 9.21
N THR C 205 8.28 19.66 9.32
CA THR C 205 9.10 19.45 8.12
C THR C 205 8.58 18.28 7.26
N LYS C 206 7.67 17.50 7.83
CA LYS C 206 7.10 16.32 7.20
C LYS C 206 5.69 16.48 6.58
N ILE C 207 5.18 17.70 6.56
CA ILE C 207 3.84 17.98 6.09
C ILE C 207 3.91 18.94 4.92
N PRO C 208 3.66 18.42 3.71
CA PRO C 208 3.75 19.25 2.52
C PRO C 208 2.87 20.51 2.62
N SER C 209 1.66 20.38 3.17
CA SER C 209 0.74 21.52 3.20
C SER C 209 1.24 22.66 4.07
N GLY C 210 2.11 22.34 5.03
CA GLY C 210 2.64 23.32 5.95
C GLY C 210 1.63 23.71 7.03
N GLN C 211 0.54 22.95 7.14
CA GLN C 211 -0.48 23.19 8.16
C GLN C 211 -0.59 22.01 9.14
N ILE C 212 -0.89 22.32 10.40
CA ILE C 212 -1.27 21.29 11.36
C ILE C 212 -2.77 21.14 11.32
N GLY C 213 -3.24 19.90 11.32
CA GLY C 213 -4.67 19.65 11.16
C GLY C 213 -5.49 20.11 12.36
N GLU C 214 -6.80 20.04 12.24
CA GLU C 214 -7.69 20.33 13.36
C GLU C 214 -8.66 19.15 13.55
N PRO C 215 -9.21 18.99 14.75
CA PRO C 215 -10.14 17.87 15.01
C PRO C 215 -11.28 17.79 13.99
N LYS C 216 -11.74 18.93 13.49
CA LYS C 216 -12.81 18.92 12.51
C LYS C 216 -12.42 18.15 11.25
N ASP C 217 -11.14 18.21 10.87
CA ASP C 217 -10.65 17.45 9.73
C ASP C 217 -10.93 15.96 9.92
N ILE C 218 -10.71 15.45 11.13
CA ILE C 218 -10.99 14.05 11.41
C ILE C 218 -12.49 13.79 11.49
N ALA C 219 -13.19 14.72 12.14
CA ALA C 219 -14.63 14.57 12.35
C ALA C 219 -15.34 14.46 11.00
N ALA C 220 -14.92 15.29 10.06
CA ALA C 220 -15.54 15.33 8.75
C ALA C 220 -15.37 14.00 8.03
N ALA C 221 -14.15 13.44 8.05
CA ALA C 221 -13.89 12.15 7.40
C ALA C 221 -14.72 11.03 8.03
N VAL C 222 -14.78 11.06 9.36
CA VAL C 222 -15.57 10.09 10.13
C VAL C 222 -17.06 10.18 9.78
N ALA C 223 -17.59 11.41 9.77
CA ALA C 223 -19.01 11.62 9.50
C ALA C 223 -19.35 11.23 8.05
N PHE C 224 -18.43 11.47 7.14
CA PHE C 224 -18.66 11.01 5.78
C PHE C 224 -18.78 9.49 5.74
N LEU C 225 -17.80 8.77 6.30
CA LEU C 225 -17.84 7.32 6.26
C LEU C 225 -19.03 6.75 7.02
N ALA C 226 -19.55 7.49 7.98
CA ALA C 226 -20.70 7.05 8.76
C ALA C 226 -22.01 7.18 7.96
N SER C 227 -21.99 8.02 6.94
CA SER C 227 -23.23 8.35 6.25
C SER C 227 -23.67 7.23 5.32
N GLU C 228 -24.94 7.26 4.95
CA GLU C 228 -25.48 6.24 4.04
C GLU C 228 -24.76 6.28 2.70
N GLU C 229 -24.37 7.49 2.27
CA GLU C 229 -23.70 7.67 0.98
C GLU C 229 -22.31 7.02 0.88
N ALA C 230 -21.78 6.55 2.02
CA ALA C 230 -20.51 5.81 2.04
C ALA C 230 -20.71 4.30 2.11
N LYS C 231 -21.91 3.86 1.75
CA LYS C 231 -22.24 2.44 1.86
C LYS C 231 -21.28 1.52 1.11
N TYR C 232 -20.65 2.01 0.05
CA TYR C 232 -19.83 1.11 -0.80
C TYR C 232 -18.35 1.23 -0.50
N ILE C 233 -18.03 1.78 0.67
CA ILE C 233 -16.66 1.89 1.14
C ILE C 233 -16.52 1.05 2.39
N THR C 234 -15.73 -0.02 2.31
CA THR C 234 -15.50 -0.85 3.47
C THR C 234 -14.09 -1.43 3.44
N GLY C 235 -13.52 -1.62 4.63
CA GLY C 235 -12.18 -2.19 4.77
C GLY C 235 -11.06 -1.22 4.42
N GLN C 236 -11.38 0.07 4.31
CA GLN C 236 -10.41 1.05 3.83
C GLN C 236 -9.84 1.88 4.96
N THR C 237 -8.71 2.52 4.66
CA THR C 237 -8.06 3.40 5.63
C THR C 237 -7.97 4.75 4.94
N LEU C 238 -8.58 5.75 5.54
CA LEU C 238 -8.57 7.09 4.94
C LEU C 238 -7.58 7.94 5.73
N HIS C 239 -6.48 8.28 5.08
CA HIS C 239 -5.46 9.14 5.68
C HIS C 239 -5.81 10.61 5.58
N VAL C 240 -5.79 11.26 6.73
CA VAL C 240 -6.11 12.67 6.85
C VAL C 240 -4.92 13.36 7.51
N ASN C 241 -3.95 13.79 6.70
CA ASN C 241 -2.64 14.18 7.21
C ASN C 241 -1.87 15.25 6.42
N GLY C 242 -2.56 16.04 5.60
CA GLY C 242 -1.90 17.09 4.84
C GLY C 242 -0.80 16.63 3.89
N GLY C 243 -0.84 15.37 3.48
CA GLY C 243 0.19 14.84 2.58
C GLY C 243 1.40 14.25 3.29
N TYR C 245 1.67 11.39 4.64
CA TYR C 245 1.82 10.01 4.20
C TYR C 245 0.79 9.69 3.13
N ALA C 247 -1.10 7.10 0.62
CA ALA C 247 -1.33 5.65 0.56
C ALA C 247 -1.46 5.12 -0.85
N SER D 2 28.36 -16.83 2.94
CA SER D 2 28.10 -15.47 3.39
C SER D 2 27.92 -15.38 4.90
N LEU D 3 27.44 -16.46 5.51
CA LEU D 3 26.99 -16.35 6.90
C LEU D 3 27.89 -17.05 7.91
N ASN D 4 29.11 -17.37 7.52
CA ASN D 4 30.07 -18.01 8.39
CA ASN D 4 30.03 -18.03 8.42
C ASN D 4 30.19 -17.11 9.61
N GLU D 5 30.16 -17.70 10.80
CA GLU D 5 30.29 -16.93 12.03
C GLU D 5 29.04 -16.13 12.42
N LYS D 6 27.94 -16.28 11.70
CA LYS D 6 26.67 -15.72 12.17
C LYS D 6 25.90 -16.78 12.93
N VAL D 7 25.20 -16.36 13.98
CA VAL D 7 24.33 -17.27 14.72
C VAL D 7 22.88 -16.88 14.48
N ALA D 8 22.07 -17.84 14.08
CA ALA D 8 20.68 -17.59 13.71
C ALA D 8 19.74 -18.33 14.64
N LEU D 9 18.68 -17.66 15.06
CA LEU D 9 17.64 -18.29 15.87
C LEU D 9 16.34 -18.36 15.06
N VAL D 10 15.86 -19.58 14.83
CA VAL D 10 14.60 -19.81 14.14
C VAL D 10 13.62 -20.48 15.10
N THR D 11 12.58 -19.75 15.51
CA THR D 11 11.60 -20.31 16.42
C THR D 11 10.61 -21.23 15.69
N GLY D 12 10.25 -22.34 16.32
CA GLY D 12 9.39 -23.33 15.69
C GLY D 12 10.03 -23.91 14.42
N ALA D 13 11.25 -24.39 14.58
CA ALA D 13 12.08 -24.85 13.48
C ALA D 13 11.93 -26.33 13.21
N SER D 14 11.02 -26.97 13.93
CA SER D 14 10.89 -28.43 13.84
C SER D 14 10.59 -28.92 12.43
N ARG D 15 9.58 -28.34 11.82
CA ARG D 15 9.14 -28.81 10.50
C ARG D 15 8.74 -27.64 9.61
N GLY D 16 8.08 -27.94 8.50
CA GLY D 16 7.60 -26.92 7.59
C GLY D 16 8.59 -25.80 7.31
N ILE D 17 8.04 -24.59 7.24
CA ILE D 17 8.82 -23.40 6.96
C ILE D 17 10.01 -23.21 7.90
N GLY D 18 9.77 -23.35 9.19
CA GLY D 18 10.83 -23.18 10.17
C GLY D 18 12.04 -24.03 9.83
N PHE D 19 11.84 -25.32 9.57
CA PHE D 19 12.97 -26.21 9.29
C PHE D 19 13.69 -25.80 8.00
N GLU D 20 12.92 -25.49 6.96
CA GLU D 20 13.54 -25.13 5.71
C GLU D 20 14.38 -23.86 5.90
N VAL D 21 13.85 -22.91 6.67
CA VAL D 21 14.60 -21.69 6.98
C VAL D 21 15.89 -22.00 7.71
N ALA D 22 15.81 -22.98 8.61
CA ALA D 22 16.99 -23.41 9.35
C ALA D 22 17.97 -24.07 8.40
N HIS D 23 17.44 -24.86 7.46
CA HIS D 23 18.27 -25.55 6.50
C HIS D 23 18.95 -24.49 5.62
N ALA D 24 18.17 -23.53 5.12
CA ALA D 24 18.69 -22.51 4.20
C ALA D 24 19.78 -21.65 4.83
N LEU D 25 19.60 -21.30 6.10
CA LEU D 25 20.60 -20.50 6.79
C LEU D 25 21.88 -21.29 7.05
N ALA D 26 21.76 -22.50 7.55
CA ALA D 26 22.94 -23.34 7.76
C ALA D 26 23.69 -23.52 6.44
N SER D 27 22.96 -23.58 5.33
CA SER D 27 23.57 -23.78 4.02
C SER D 27 24.47 -22.62 3.62
N LYS D 28 24.30 -21.48 4.27
CA LYS D 28 25.13 -20.32 3.94
C LYS D 28 26.25 -20.14 4.97
N GLY D 29 26.35 -21.11 5.88
CA GLY D 29 27.45 -21.16 6.83
C GLY D 29 27.07 -20.75 8.24
N ALA D 30 25.80 -20.45 8.44
CA ALA D 30 25.38 -19.99 9.75
C ALA D 30 25.29 -21.12 10.78
N THR D 31 25.49 -20.76 12.05
CA THR D 31 25.18 -21.66 13.15
C THR D 31 23.72 -21.40 13.54
N VAL D 32 22.92 -22.46 13.60
CA VAL D 32 21.48 -22.31 13.76
C VAL D 32 20.95 -22.91 15.07
N VAL D 33 20.24 -22.08 15.81
CA VAL D 33 19.52 -22.49 17.00
C VAL D 33 18.04 -22.55 16.67
N GLY D 34 17.44 -23.74 16.76
CA GLY D 34 16.03 -23.90 16.46
C GLY D 34 15.27 -24.30 17.71
N THR D 35 14.03 -23.86 17.83
CA THR D 35 13.25 -24.14 19.03
C THR D 35 12.02 -24.97 18.73
N ALA D 36 11.58 -25.70 19.74
CA ALA D 36 10.33 -26.44 19.70
C ALA D 36 9.74 -26.43 21.10
N THR D 37 8.44 -26.73 21.20
CA THR D 37 7.74 -26.70 22.47
C THR D 37 8.09 -27.89 23.36
N SER D 38 8.61 -28.95 22.74
CA SER D 38 9.02 -30.12 23.51
C SER D 38 10.49 -30.45 23.32
N GLN D 39 11.06 -31.06 24.35
CA GLN D 39 12.45 -31.52 24.32
C GLN D 39 12.68 -32.51 23.20
N ALA D 40 11.76 -33.46 23.04
CA ALA D 40 11.90 -34.49 22.02
C ALA D 40 12.04 -33.86 20.63
N SER D 41 11.25 -32.82 20.36
CA SER D 41 11.29 -32.18 19.04
C SER D 41 12.58 -31.39 18.87
N ALA D 42 13.01 -30.73 19.94
CA ALA D 42 14.24 -29.99 19.91
C ALA D 42 15.42 -30.93 19.62
N GLU D 43 15.32 -32.17 20.10
CA GLU D 43 16.34 -33.15 19.80
C GLU D 43 16.24 -33.64 18.36
N LYS D 44 15.02 -33.89 17.90
CA LYS D 44 14.79 -34.32 16.53
C LYS D 44 15.33 -33.29 15.54
N PHE D 45 15.09 -32.02 15.85
CA PHE D 45 15.62 -30.94 15.02
C PHE D 45 17.14 -30.98 15.05
N GLU D 46 17.71 -31.11 16.24
CA GLU D 46 19.15 -31.00 16.36
C GLU D 46 19.86 -32.11 15.60
N ASN D 47 19.41 -33.35 15.82
CA ASN D 47 20.05 -34.51 15.19
C ASN D 47 19.85 -34.54 13.68
N SER D 48 18.65 -34.18 13.24
CA SER D 48 18.34 -34.11 11.82
C SER D 48 19.21 -33.09 11.10
N LYS D 50 22.26 -31.81 12.34
CA LYS D 50 23.63 -32.30 12.45
C LYS D 50 23.88 -33.51 11.56
N GLU D 51 22.79 -34.19 11.19
CA GLU D 51 22.85 -35.35 10.31
C GLU D 51 23.10 -34.93 8.87
N LYS D 52 22.63 -33.73 8.52
CA LYS D 52 22.82 -33.21 7.16
C LYS D 52 24.12 -32.43 7.04
N GLY D 53 24.95 -32.53 8.07
CA GLY D 53 26.26 -31.92 8.05
C GLY D 53 26.30 -30.51 8.61
N PHE D 54 25.31 -30.17 9.43
CA PHE D 54 25.23 -28.81 9.94
C PHE D 54 25.48 -28.68 11.44
N LYS D 55 26.01 -27.52 11.83
CA LYS D 55 26.13 -27.18 13.24
C LYS D 55 24.85 -26.49 13.70
N ALA D 56 24.03 -27.25 14.43
CA ALA D 56 22.75 -26.74 14.92
C ALA D 56 22.56 -27.11 16.39
N ARG D 57 21.68 -26.38 17.06
CA ARG D 57 21.39 -26.63 18.46
C ARG D 57 19.88 -26.56 18.61
N GLY D 58 19.29 -27.62 19.13
CA GLY D 58 17.86 -27.63 19.39
C GLY D 58 17.56 -27.24 20.83
N LEU D 59 16.70 -26.25 21.01
CA LEU D 59 16.34 -25.83 22.37
C LEU D 59 14.82 -25.74 22.56
N VAL D 60 14.39 -25.93 23.81
CA VAL D 60 12.97 -25.81 24.13
C VAL D 60 12.55 -24.37 24.36
N LEU D 61 11.46 -23.97 23.71
CA LEU D 61 10.89 -22.64 23.87
C LEU D 61 9.41 -22.58 23.50
N ASN D 62 8.61 -22.03 24.40
CA ASN D 62 7.22 -21.72 24.06
C ASN D 62 7.10 -20.20 24.02
N ILE D 63 6.97 -19.61 22.83
CA ILE D 63 7.10 -18.16 22.69
C ILE D 63 5.92 -17.41 23.27
N SER D 64 4.87 -18.14 23.64
CA SER D 64 3.66 -17.57 24.26
C SER D 64 3.76 -17.40 25.77
N ASP D 65 4.81 -17.98 26.35
CA ASP D 65 4.97 -18.05 27.81
C ASP D 65 6.23 -17.30 28.24
N ILE D 66 6.05 -16.16 28.89
CA ILE D 66 7.17 -15.30 29.29
C ILE D 66 8.23 -16.01 30.16
N GLU D 67 7.79 -16.99 30.93
CA GLU D 67 8.72 -17.77 31.74
C GLU D 67 9.62 -18.59 30.82
N SER D 68 9.02 -19.25 29.84
CA SER D 68 9.79 -20.03 28.89
C SER D 68 10.78 -19.14 28.17
N ILE D 69 10.34 -17.95 27.78
CA ILE D 69 11.21 -17.04 27.06
C ILE D 69 12.38 -16.71 27.96
N GLN D 70 12.07 -16.39 29.22
CA GLN D 70 13.09 -16.03 30.20
C GLN D 70 14.10 -17.16 30.43
N ASN D 71 13.61 -18.39 30.56
CA ASN D 71 14.53 -19.52 30.73
C ASN D 71 15.34 -19.74 29.46
N PHE D 72 14.68 -19.61 28.31
CA PHE D 72 15.35 -19.84 27.04
C PHE D 72 16.60 -18.99 26.91
N PHE D 73 16.46 -17.69 27.11
CA PHE D 73 17.60 -16.80 26.96
C PHE D 73 18.68 -17.00 28.05
N ALA D 74 18.29 -17.44 29.24
CA ALA D 74 19.30 -17.72 30.25
C ALA D 74 20.17 -18.88 29.75
N GLU D 75 19.56 -19.80 29.01
CA GLU D 75 20.31 -20.92 28.46
C GLU D 75 21.25 -20.56 27.29
N ILE D 76 20.78 -19.79 26.32
CA ILE D 76 21.71 -19.43 25.25
C ILE D 76 22.84 -18.58 25.83
N LYS D 77 22.52 -17.76 26.83
CA LYS D 77 23.58 -17.03 27.53
C LYS D 77 24.57 -18.01 28.16
N ALA D 78 24.05 -19.05 28.80
CA ALA D 78 24.91 -20.04 29.44
C ALA D 78 25.74 -20.83 28.42
N GLU D 79 25.23 -20.92 27.19
CA GLU D 79 25.91 -21.68 26.16
C GLU D 79 26.72 -20.75 25.26
N ASN D 80 26.83 -19.49 25.66
CA ASN D 80 27.61 -18.50 24.92
C ASN D 80 27.18 -18.35 23.47
N LEU D 81 25.87 -18.24 23.26
CA LEU D 81 25.31 -18.09 21.93
C LEU D 81 24.72 -16.70 21.75
N ALA D 82 25.39 -15.85 20.98
CA ALA D 82 24.86 -14.53 20.66
C ALA D 82 24.05 -14.59 19.36
N ILE D 83 22.87 -13.99 19.36
CA ILE D 83 22.02 -14.05 18.18
C ILE D 83 22.26 -12.87 17.24
N ASP D 84 22.68 -13.18 16.01
CA ASP D 84 22.91 -12.18 14.97
C ASP D 84 21.74 -12.08 14.02
N ILE D 85 21.02 -13.20 13.88
CA ILE D 85 19.89 -13.27 12.97
C ILE D 85 18.71 -13.88 13.69
N LEU D 86 17.60 -13.17 13.73
CA LEU D 86 16.42 -13.67 14.41
C LEU D 86 15.30 -13.88 13.41
N VAL D 87 14.75 -15.10 13.37
CA VAL D 87 13.61 -15.38 12.51
C VAL D 87 12.42 -15.74 13.37
N ASN D 88 11.43 -14.86 13.43
CA ASN D 88 10.24 -15.16 14.20
C ASN D 88 9.27 -15.97 13.33
N ASN D 89 9.36 -17.29 13.45
CA ASN D 89 8.56 -18.21 12.64
C ASN D 89 7.37 -18.79 13.38
N ALA D 90 7.56 -19.15 14.66
CA ALA D 90 6.49 -19.73 15.47
C ALA D 90 5.23 -18.84 15.58
N GLY D 91 4.07 -19.49 15.68
CA GLY D 91 2.79 -18.81 15.83
C GLY D 91 1.62 -19.80 15.93
N ILE D 92 0.39 -19.28 16.01
CA ILE D 92 -0.80 -20.13 16.16
C ILE D 92 -2.03 -19.40 15.65
N THR D 93 -3.06 -20.16 15.28
CA THR D 93 -4.34 -19.58 14.94
C THR D 93 -5.38 -20.01 15.97
N ARG D 94 -6.31 -19.12 16.28
CA ARG D 94 -7.55 -19.49 16.94
C ARG D 94 -8.72 -18.89 16.18
N ASP D 95 -9.10 -19.50 15.07
CA ASP D 95 -10.14 -18.96 14.19
C ASP D 95 -11.56 -18.99 14.75
N ASN D 96 -12.29 -17.90 14.58
CA ASN D 96 -13.70 -17.83 14.92
C ASN D 96 -14.33 -16.56 14.30
N LEU D 97 -15.65 -16.57 14.11
CA LEU D 97 -16.32 -15.35 13.74
C LEU D 97 -16.15 -14.43 14.93
N ARG D 100 -18.51 -14.54 17.98
CA ARG D 100 -18.50 -15.71 18.85
C ARG D 100 -17.14 -15.83 19.52
N SER D 102 -14.09 -15.66 21.77
CA SER D 102 -13.90 -15.40 23.19
C SER D 102 -12.67 -14.52 23.41
N GLU D 103 -12.55 -13.99 24.63
CA GLU D 103 -11.37 -13.26 25.08
C GLU D 103 -10.10 -14.11 24.97
N ASP D 104 -10.23 -15.39 25.30
CA ASP D 104 -9.07 -16.28 25.26
C ASP D 104 -8.56 -16.45 23.86
N GLU D 105 -9.45 -16.61 22.88
CA GLU D 105 -9.05 -16.76 21.48
C GLU D 105 -8.40 -15.47 20.95
N TRP D 106 -9.01 -14.34 21.29
CA TRP D 106 -8.46 -13.04 20.90
C TRP D 106 -7.09 -12.83 21.52
N GLN D 107 -7.03 -12.89 22.84
CA GLN D 107 -5.81 -12.58 23.59
C GLN D 107 -4.68 -13.56 23.30
N SER D 108 -5.02 -14.85 23.17
CA SER D 108 -4.01 -15.86 22.84
C SER D 108 -3.30 -15.53 21.55
N VAL D 109 -4.06 -15.19 20.52
CA VAL D 109 -3.45 -14.90 19.22
C VAL D 109 -2.64 -13.60 19.20
N ILE D 110 -3.14 -12.56 19.84
CA ILE D 110 -2.37 -11.32 19.95
C ILE D 110 -1.05 -11.57 20.71
N ASN D 111 -1.16 -12.29 21.83
CA ASN D 111 -0.01 -12.58 22.68
C ASN D 111 1.03 -13.44 21.96
N THR D 112 0.59 -14.50 21.30
CA THR D 112 1.49 -15.43 20.61
C THR D 112 2.06 -14.91 19.29
N ASN D 113 1.28 -14.13 18.56
CA ASN D 113 1.65 -13.77 17.21
C ASN D 113 2.17 -12.35 17.09
N LEU D 114 1.83 -11.51 18.05
CA LEU D 114 2.32 -10.13 18.06
C LEU D 114 3.31 -9.84 19.19
N SER D 115 2.88 -10.04 20.44
CA SER D 115 3.74 -9.74 21.57
C SER D 115 5.05 -10.53 21.53
N SER D 116 5.00 -11.74 21.00
CA SER D 116 6.19 -12.59 20.92
C SER D 116 7.30 -11.96 20.09
N ILE D 117 6.94 -11.28 19.00
CA ILE D 117 7.92 -10.53 18.21
C ILE D 117 8.61 -9.47 19.08
N PHE D 118 7.84 -8.69 19.82
CA PHE D 118 8.41 -7.71 20.73
C PHE D 118 9.35 -8.39 21.73
N ARG D 119 8.85 -9.42 22.40
CA ARG D 119 9.64 -10.09 23.43
C ARG D 119 10.92 -10.76 22.89
N SER D 121 12.52 -9.92 19.99
CA SER D 121 13.40 -8.92 19.42
C SER D 121 14.09 -8.11 20.51
N LYS D 122 13.34 -7.87 21.59
CA LYS D 122 13.87 -7.17 22.74
C LYS D 122 15.09 -7.89 23.32
N GLU D 123 15.07 -9.21 23.29
CA GLU D 123 16.12 -9.98 23.92
C GLU D 123 17.33 -10.21 23.02
N CYS D 124 17.18 -9.89 21.74
CA CYS D 124 18.28 -10.10 20.79
C CYS D 124 18.94 -8.81 20.32
N VAL D 125 18.23 -7.70 20.42
CA VAL D 125 18.66 -6.50 19.71
C VAL D 125 19.93 -5.83 20.28
N ARG D 126 20.15 -5.95 21.59
CA ARG D 126 21.33 -5.31 22.19
C ARG D 126 22.61 -5.96 21.71
N GLY D 127 22.59 -7.28 21.56
CA GLY D 127 23.72 -7.99 21.00
C GLY D 127 24.05 -7.51 19.60
N LYS D 130 25.59 -3.95 19.64
CA LYS D 130 26.98 -3.86 20.04
C LYS D 130 27.90 -4.27 18.88
N LYS D 131 27.50 -5.32 18.15
CA LYS D 131 28.31 -5.84 17.05
C LYS D 131 28.08 -5.06 15.78
N ARG D 132 27.17 -4.10 15.84
CA ARG D 132 26.87 -3.26 14.68
CA ARG D 132 26.81 -3.27 14.70
C ARG D 132 26.45 -4.11 13.49
N TRP D 133 25.65 -5.14 13.72
CA TRP D 133 25.15 -5.96 12.63
C TRP D 133 24.05 -6.88 13.11
N GLY D 134 22.99 -7.01 12.33
CA GLY D 134 21.94 -7.93 12.69
C GLY D 134 20.88 -8.02 11.64
N ARG D 135 20.06 -9.07 11.75
CA ARG D 135 18.87 -9.24 10.94
C ARG D 135 17.71 -9.66 11.82
N ILE D 136 16.59 -8.97 11.69
CA ILE D 136 15.33 -9.45 12.24
C ILE D 136 14.32 -9.66 11.12
N ILE D 137 13.83 -10.88 10.99
CA ILE D 137 12.89 -11.22 9.93
C ILE D 137 11.73 -11.97 10.55
N SER D 138 10.51 -11.51 10.34
CA SER D 138 9.35 -12.17 10.91
C SER D 138 8.48 -12.76 9.81
N ILE D 139 7.93 -13.94 10.06
CA ILE D 139 7.05 -14.58 9.09
C ILE D 139 5.65 -14.04 9.34
N GLY D 140 5.16 -13.27 8.38
CA GLY D 140 3.82 -12.73 8.49
C GLY D 140 2.81 -13.66 7.86
N SER D 141 1.87 -13.08 7.12
CA SER D 141 0.88 -13.83 6.36
C SER D 141 0.16 -12.88 5.43
N VAL D 142 -0.22 -13.37 4.27
CA VAL D 142 -0.94 -12.53 3.31
C VAL D 142 -2.17 -11.92 3.95
N VAL D 143 -2.74 -12.60 4.93
CA VAL D 143 -3.98 -12.14 5.54
C VAL D 143 -3.80 -10.90 6.42
N GLY D 144 -2.56 -10.64 6.82
CA GLY D 144 -2.26 -9.42 7.55
C GLY D 144 -2.45 -8.19 6.67
N SER D 145 -2.43 -8.39 5.36
CA SER D 145 -2.53 -7.27 4.43
C SER D 145 -3.87 -7.27 3.72
N ALA D 146 -4.37 -8.46 3.40
CA ALA D 146 -5.60 -8.62 2.62
C ALA D 146 -6.83 -8.74 3.49
N GLY D 147 -6.64 -9.20 4.72
CA GLY D 147 -7.74 -9.43 5.61
C GLY D 147 -8.31 -10.80 5.30
N ASN D 148 -8.99 -11.41 6.26
CA ASN D 148 -9.66 -12.68 6.03
C ASN D 148 -10.73 -12.89 7.08
N PRO D 149 -11.91 -13.31 6.68
CA PRO D 149 -12.98 -13.51 7.65
C PRO D 149 -12.67 -14.69 8.52
N GLY D 150 -13.18 -14.71 9.73
CA GLY D 150 -12.88 -15.77 10.67
C GLY D 150 -11.53 -15.59 11.34
N GLN D 151 -10.78 -14.58 10.93
CA GLN D 151 -9.46 -14.40 11.49
C GLN D 151 -9.16 -12.98 11.99
N THR D 152 -10.12 -12.32 12.63
CA THR D 152 -9.90 -10.94 13.04
C THR D 152 -8.67 -10.81 13.93
N ASN D 153 -8.45 -11.82 14.77
CA ASN D 153 -7.35 -11.81 15.72
C ASN D 153 -6.01 -12.06 15.02
N TYR D 154 -5.99 -13.06 14.15
CA TYR D 154 -4.80 -13.40 13.38
C TYR D 154 -4.41 -12.28 12.45
N CYS D 155 -5.38 -11.73 11.72
CA CYS D 155 -5.09 -10.60 10.83
C CYS D 155 -4.56 -9.41 11.61
N ALA D 156 -5.15 -9.13 12.75
CA ALA D 156 -4.72 -8.02 13.58
C ALA D 156 -3.28 -8.19 14.02
N ALA D 157 -2.97 -9.38 14.53
CA ALA D 157 -1.60 -9.69 14.94
C ALA D 157 -0.63 -9.52 13.76
N LYS D 158 -1.00 -10.07 12.61
CA LYS D 158 -0.08 -10.13 11.49
C LYS D 158 0.17 -8.73 10.92
N ALA D 159 -0.87 -7.91 10.87
CA ALA D 159 -0.73 -6.50 10.49
C ALA D 159 0.13 -5.76 11.52
N GLY D 160 -0.11 -6.03 12.79
CA GLY D 160 0.69 -5.43 13.84
C GLY D 160 2.18 -5.73 13.75
N VAL D 161 2.51 -6.95 13.32
CA VAL D 161 3.91 -7.34 13.12
C VAL D 161 4.59 -6.40 12.12
N ILE D 162 3.91 -6.09 11.03
CA ILE D 162 4.43 -5.15 10.04
C ILE D 162 4.65 -3.76 10.66
N GLY D 163 3.64 -3.27 11.38
CA GLY D 163 3.74 -1.97 12.05
C GLY D 163 4.93 -1.91 13.00
N PHE D 164 5.07 -2.95 13.80
CA PHE D 164 6.20 -3.11 14.71
C PHE D 164 7.54 -3.06 14.02
N SER D 165 7.63 -3.78 12.91
CA SER D 165 8.85 -3.92 12.13
C SER D 165 9.29 -2.64 11.45
N LYS D 166 8.33 -1.89 10.91
CA LYS D 166 8.60 -0.62 10.25
C LYS D 166 9.14 0.36 11.28
N SER D 167 8.55 0.35 12.46
CA SER D 167 8.96 1.26 13.52
C SER D 167 10.35 0.93 14.06
N LEU D 168 10.62 -0.35 14.29
CA LEU D 168 11.91 -0.79 14.81
C LEU D 168 13.01 -0.52 13.80
N ALA D 169 12.69 -0.73 12.53
CA ALA D 169 13.66 -0.46 11.47
C ALA D 169 14.27 0.94 11.58
N TYR D 170 13.46 1.95 11.87
CA TYR D 170 13.99 3.29 12.14
C TYR D 170 14.95 3.29 13.32
N GLU D 171 14.60 2.55 14.38
CA GLU D 171 15.38 2.62 15.62
C GLU D 171 16.77 1.98 15.51
N VAL D 172 16.88 0.92 14.72
CA VAL D 172 18.11 0.13 14.66
C VAL D 172 18.98 0.33 13.42
N ALA D 173 18.48 1.09 12.45
CA ALA D 173 19.19 1.31 11.18
C ALA D 173 20.64 1.78 11.33
N SER D 174 20.88 2.69 12.28
CA SER D 174 22.20 3.27 12.42
C SER D 174 23.21 2.25 12.89
N ARG D 175 22.76 1.04 13.17
CA ARG D 175 23.67 0.00 13.64
C ARG D 175 23.76 -1.18 12.66
N ASN D 176 23.37 -0.95 11.41
CA ASN D 176 23.40 -1.96 10.35
C ASN D 176 22.55 -3.19 10.66
N ILE D 177 21.40 -2.96 11.29
CA ILE D 177 20.43 -4.00 11.56
C ILE D 177 19.20 -3.73 10.69
N THR D 178 18.78 -4.73 9.91
CA THR D 178 17.57 -4.63 9.08
C THR D 178 16.41 -5.39 9.72
N VAL D 179 15.19 -4.92 9.49
CA VAL D 179 14.03 -5.51 10.12
C VAL D 179 12.95 -5.60 9.06
N ASN D 180 12.54 -6.82 8.74
CA ASN D 180 11.70 -7.09 7.58
C ASN D 180 10.71 -8.19 7.89
N VAL D 181 9.69 -8.30 7.03
CA VAL D 181 8.68 -9.32 7.17
C VAL D 181 8.58 -10.09 5.87
N VAL D 182 8.49 -11.41 5.98
CA VAL D 182 8.20 -12.26 4.84
C VAL D 182 6.79 -12.80 5.02
N ALA D 183 5.90 -12.46 4.09
CA ALA D 183 4.49 -12.78 4.21
C ALA D 183 4.13 -13.88 3.23
N PRO D 184 3.97 -15.10 3.74
CA PRO D 184 3.55 -16.23 2.90
C PRO D 184 2.09 -16.17 2.49
N GLY D 185 1.79 -16.65 1.29
CA GLY D 185 0.43 -16.96 0.87
C GLY D 185 0.14 -18.40 1.30
N PHE D 186 -0.46 -19.19 0.41
CA PHE D 186 -0.75 -20.58 0.75
C PHE D 186 0.48 -21.44 0.47
N ILE D 187 0.96 -22.14 1.49
CA ILE D 187 2.17 -22.93 1.38
C ILE D 187 1.89 -24.35 1.89
N ALA D 188 2.45 -25.35 1.22
CA ALA D 188 2.25 -26.73 1.64
C ALA D 188 2.76 -26.95 3.05
N THR D 189 2.02 -27.72 3.83
CA THR D 189 2.39 -28.02 5.19
C THR D 189 1.39 -29.01 5.81
N ASP D 197 -7.39 -33.67 1.04
CA ASP D 197 -7.56 -32.24 1.24
C ASP D 197 -7.43 -31.52 -0.10
N GLU D 198 -8.54 -31.41 -0.84
CA GLU D 198 -8.48 -30.78 -2.16
C GLU D 198 -9.85 -30.49 -2.78
N GLN D 199 -10.37 -29.26 -2.62
CA GLN D 199 -9.87 -28.21 -1.72
C GLN D 199 -8.57 -27.51 -2.13
N LYS D 200 -7.52 -28.30 -2.37
CA LYS D 200 -6.25 -27.78 -2.87
C LYS D 200 -6.47 -27.24 -4.28
N SER D 201 -7.21 -28.00 -5.08
CA SER D 201 -7.59 -27.58 -6.43
C SER D 201 -8.31 -26.23 -6.41
N PHE D 202 -9.29 -26.09 -5.52
CA PHE D 202 -10.08 -24.85 -5.47
C PHE D 202 -9.25 -23.66 -4.97
N ILE D 203 -8.55 -23.88 -3.86
CA ILE D 203 -7.62 -22.88 -3.33
C ILE D 203 -6.70 -22.29 -4.40
N ALA D 204 -6.09 -23.16 -5.20
CA ALA D 204 -5.14 -22.73 -6.24
C ALA D 204 -5.80 -22.04 -7.44
N THR D 205 -7.13 -22.03 -7.48
CA THR D 205 -7.80 -21.27 -8.53
C THR D 205 -7.85 -19.78 -8.16
N LYS D 206 -7.58 -19.49 -6.89
CA LYS D 206 -7.53 -18.10 -6.40
C LYS D 206 -6.10 -17.57 -6.46
N ILE D 207 -5.21 -18.42 -6.95
CA ILE D 207 -3.79 -18.11 -7.03
C ILE D 207 -3.34 -18.08 -8.47
N PRO D 208 -2.86 -16.92 -8.94
CA PRO D 208 -2.49 -16.73 -10.34
C PRO D 208 -1.65 -17.88 -10.88
N SER D 209 -0.57 -18.24 -10.18
CA SER D 209 0.33 -19.30 -10.63
C SER D 209 -0.36 -20.67 -10.71
N GLY D 210 -1.51 -20.81 -10.06
CA GLY D 210 -2.29 -22.04 -10.14
C GLY D 210 -1.75 -23.14 -9.24
N GLN D 211 -0.85 -22.80 -8.33
CA GLN D 211 -0.30 -23.83 -7.44
C GLN D 211 -0.08 -23.29 -6.04
N ILE D 212 -0.09 -24.16 -5.06
CA ILE D 212 0.26 -23.81 -3.68
C ILE D 212 1.77 -23.87 -3.58
N GLY D 213 2.35 -22.92 -2.84
CA GLY D 213 3.80 -22.86 -2.69
C GLY D 213 4.32 -23.93 -1.75
N GLU D 214 5.63 -23.93 -1.52
CA GLU D 214 6.28 -24.88 -0.62
C GLU D 214 7.18 -24.20 0.41
N PRO D 215 7.47 -24.88 1.52
CA PRO D 215 8.28 -24.22 2.53
C PRO D 215 9.54 -23.57 1.95
N LYS D 216 10.18 -24.22 0.99
CA LYS D 216 11.42 -23.67 0.44
C LYS D 216 11.24 -22.26 -0.16
N ASP D 217 10.04 -21.96 -0.65
CA ASP D 217 9.74 -20.61 -1.18
C ASP D 217 9.97 -19.54 -0.11
N ILE D 218 9.52 -19.84 1.10
CA ILE D 218 9.65 -18.89 2.20
C ILE D 218 11.10 -18.86 2.71
N ALA D 219 11.71 -20.03 2.82
CA ALA D 219 13.09 -20.12 3.30
C ALA D 219 14.07 -19.31 2.43
N ALA D 220 13.90 -19.38 1.12
CA ALA D 220 14.80 -18.72 0.17
C ALA D 220 14.71 -17.19 0.28
N ALA D 221 13.49 -16.71 0.51
CA ALA D 221 13.27 -15.30 0.76
C ALA D 221 13.85 -14.85 2.10
N VAL D 222 13.62 -15.62 3.15
CA VAL D 222 14.19 -15.32 4.46
C VAL D 222 15.72 -15.28 4.38
N ALA D 223 16.30 -16.28 3.74
CA ALA D 223 17.75 -16.38 3.61
C ALA D 223 18.31 -15.23 2.76
N PHE D 224 17.57 -14.78 1.76
CA PHE D 224 18.00 -13.62 0.97
C PHE D 224 18.03 -12.40 1.87
N LEU D 225 16.94 -12.14 2.58
CA LEU D 225 16.88 -10.97 3.45
C LEU D 225 17.95 -10.99 4.55
N ALA D 226 18.37 -12.19 4.96
CA ALA D 226 19.32 -12.32 6.05
C ALA D 226 20.77 -12.17 5.60
N SER D 227 20.99 -12.23 4.29
CA SER D 227 22.32 -12.15 3.70
C SER D 227 22.83 -10.72 3.64
N GLU D 228 24.14 -10.61 3.55
CA GLU D 228 24.76 -9.31 3.56
C GLU D 228 24.33 -8.50 2.36
N GLU D 229 23.89 -9.18 1.30
CA GLU D 229 23.56 -8.44 0.08
C GLU D 229 22.18 -7.79 0.12
N ALA D 230 21.41 -8.05 1.17
CA ALA D 230 20.12 -7.38 1.32
C ALA D 230 20.22 -6.28 2.35
N LYS D 231 21.44 -5.76 2.55
CA LYS D 231 21.67 -4.80 3.62
C LYS D 231 20.92 -3.48 3.47
N TYR D 232 20.48 -3.16 2.26
CA TYR D 232 19.77 -1.91 2.00
C TYR D 232 18.26 -2.12 1.98
N ILE D 233 17.82 -3.30 2.41
CA ILE D 233 16.40 -3.61 2.48
C ILE D 233 15.96 -3.62 3.93
N THR D 234 15.14 -2.66 4.33
CA THR D 234 14.62 -2.64 5.70
C THR D 234 13.25 -2.00 5.82
N GLY D 235 12.44 -2.55 6.73
CA GLY D 235 11.10 -2.06 6.95
C GLY D 235 10.14 -2.56 5.89
N GLN D 236 10.54 -3.60 5.18
CA GLN D 236 9.77 -4.04 4.04
C GLN D 236 9.01 -5.32 4.34
N THR D 237 7.98 -5.55 3.55
CA THR D 237 7.19 -6.75 3.61
C THR D 237 7.34 -7.40 2.24
N LEU D 238 7.86 -8.61 2.22
CA LEU D 238 8.07 -9.30 0.96
C LEU D 238 7.02 -10.42 0.84
N HIS D 239 6.07 -10.25 -0.08
CA HIS D 239 5.00 -11.21 -0.24
C HIS D 239 5.40 -12.35 -1.16
N VAL D 240 5.27 -13.58 -0.67
CA VAL D 240 5.64 -14.77 -1.43
C VAL D 240 4.39 -15.62 -1.52
N ASN D 241 3.60 -15.41 -2.58
CA ASN D 241 2.22 -15.92 -2.61
C ASN D 241 1.66 -16.24 -3.99
N GLY D 242 2.52 -16.37 -4.98
CA GLY D 242 2.08 -16.73 -6.31
C GLY D 242 1.17 -15.70 -6.96
N GLY D 243 1.23 -14.47 -6.50
CA GLY D 243 0.40 -13.42 -7.02
C GLY D 243 -1.00 -13.29 -6.45
N TYR D 245 -1.90 -11.94 -3.72
CA TYR D 245 -1.94 -10.57 -3.24
C TYR D 245 -0.71 -9.82 -3.75
N ALA D 247 1.09 -6.06 -3.59
CA ALA D 247 1.11 -4.79 -2.87
C ALA D 247 1.43 -3.64 -3.81
#